data_2RJP
#
_entry.id   2RJP
#
_cell.length_a   82.566
_cell.length_b   82.618
_cell.length_c   99.326
_cell.angle_alpha   90.000
_cell.angle_beta   90.630
_cell.angle_gamma   90.000
#
_symmetry.space_group_name_H-M   'P 1 21 1'
#
loop_
_entity.id
_entity.type
_entity.pdbx_description
1 polymer ADAMTS-4
2 non-polymer 'ZINC ION'
3 non-polymer 'CALCIUM ION'
4 non-polymer "N-({4'-[(4-isobutyrylphenoxy)methyl]biphenyl-4-yl}sulfonyl)-D-valine"
5 water water
#
_entity_poly.entity_id   1
_entity_poly.type   'polypeptide(L)'
_entity_poly.pdbx_seq_one_letter_code
;FASLSRFVETLVVADDKMAAFHGAGLKRYLLTVMAAAAKAFKHPSIRNPVSLVVTRLVILGSGEEGPQVGPSAAQTLRSF
CAWQRGLNTPEDSDPDHFDTAILFTRQDLCGVSTCDTLGMADVGTVCDPARSCAIVEDDGLQSAFTAAHQLGHVFNMLHD
NSKPCISLNGPLSTSRHVMAPVMAHVDPEEPWSPCSARFITDFLDNGYGHCLLDKPEAPLHLPVTFPGKDYDADRQCQLT
FGPDSRHCPQLPPPCAALWCSGHLNGHAMCQTKHSPWADGTPCGPAQACMGGRCLHMDQLQDFNIPQADYKDDDDK
;
_entity_poly.pdbx_strand_id   A,B,C,D
#
loop_
_chem_comp.id
_chem_comp.type
_chem_comp.name
_chem_comp.formula
886 non-polymer N-({4'-[(4-isobutyrylphenoxy)methyl]biphenyl-4-yl}sulfonyl)-D-valine 'C28 H31 N O6 S'
CA non-polymer 'CALCIUM ION' 'Ca 2'
ZN non-polymer 'ZINC ION' 'Zn 2'
#
# COMPACT_ATOMS: atom_id res chain seq x y z
N ALA A 2 -8.66 -52.05 3.26
CA ALA A 2 -8.37 -50.70 2.67
C ALA A 2 -7.63 -49.78 3.64
N SER A 3 -6.58 -49.14 3.14
CA SER A 3 -5.69 -48.30 3.95
C SER A 3 -6.21 -46.86 4.07
N LEU A 4 -6.79 -46.56 5.23
CA LEU A 4 -7.56 -45.34 5.46
C LEU A 4 -6.71 -44.09 5.46
N SER A 5 -7.11 -43.08 4.69
CA SER A 5 -6.34 -41.84 4.60
C SER A 5 -6.35 -41.04 5.91
N ARG A 6 -5.22 -40.42 6.22
CA ARG A 6 -5.02 -39.76 7.50
C ARG A 6 -4.58 -38.32 7.32
N PHE A 7 -5.05 -37.46 8.22
CA PHE A 7 -4.76 -36.03 8.16
C PHE A 7 -4.14 -35.57 9.48
N VAL A 8 -2.96 -34.96 9.40
CA VAL A 8 -2.30 -34.42 10.59
C VAL A 8 -2.54 -32.93 10.66
N GLU A 9 -3.51 -32.55 11.48
CA GLU A 9 -3.88 -31.15 11.62
C GLU A 9 -2.83 -30.50 12.51
N THR A 10 -2.10 -29.54 11.94
CA THR A 10 -0.87 -29.04 12.54
C THR A 10 -0.94 -27.59 12.94
N LEU A 11 -0.40 -27.29 14.13
CA LEU A 11 -0.15 -25.92 14.57
C LEU A 11 1.33 -25.58 14.34
N VAL A 12 1.58 -24.59 13.49
CA VAL A 12 2.93 -24.11 13.23
C VAL A 12 3.16 -22.86 14.07
N VAL A 13 4.12 -22.92 14.99
CA VAL A 13 4.45 -21.77 15.83
C VAL A 13 5.85 -21.28 15.48
N ALA A 14 5.98 -19.96 15.30
CA ALA A 14 7.28 -19.33 15.08
C ALA A 14 7.53 -18.30 16.18
N ASP A 15 8.80 -18.15 16.55
CA ASP A 15 9.11 -17.40 17.76
C ASP A 15 9.73 -16.02 17.58
N ASP A 16 9.91 -15.35 18.73
CA ASP A 16 10.73 -14.14 18.90
C ASP A 16 11.84 -14.02 17.83
N LYS A 17 12.68 -15.05 17.73
CA LYS A 17 13.90 -14.99 16.92
C LYS A 17 13.67 -15.23 15.44
N MET A 18 12.67 -16.04 15.12
CA MET A 18 12.24 -16.23 13.74
C MET A 18 11.78 -14.93 13.09
N ALA A 19 10.96 -14.18 13.82
CA ALA A 19 10.36 -12.95 13.34
C ALA A 19 11.41 -11.88 13.05
N ALA A 20 12.42 -11.79 13.90
CA ALA A 20 13.50 -10.81 13.72
C ALA A 20 14.35 -11.14 12.48
N PHE A 21 14.59 -12.43 12.25
CA PHE A 21 15.40 -12.85 11.12
C PHE A 21 14.65 -12.76 9.80
N HIS A 22 13.42 -13.24 9.78
CA HIS A 22 12.63 -13.30 8.55
C HIS A 22 11.82 -12.03 8.26
N GLY A 23 11.56 -11.25 9.30
CA GLY A 23 10.72 -10.05 9.19
C GLY A 23 9.38 -10.34 8.52
N ALA A 24 9.09 -9.58 7.48
CA ALA A 24 7.83 -9.69 6.73
C ALA A 24 7.69 -10.99 5.96
N GLY A 25 8.82 -11.66 5.68
CA GLY A 25 8.82 -12.86 4.84
C GLY A 25 8.55 -14.18 5.55
N LEU A 26 8.17 -14.10 6.83
CA LEU A 26 8.04 -15.27 7.71
C LEU A 26 6.88 -16.26 7.39
N LYS A 27 5.68 -15.72 7.18
CA LYS A 27 4.50 -16.54 6.91
C LYS A 27 4.65 -17.33 5.63
N ARG A 28 5.20 -16.69 4.60
CA ARG A 28 5.45 -17.34 3.33
C ARG A 28 6.52 -18.42 3.51
N TYR A 29 7.59 -18.07 4.25
CA TYR A 29 8.68 -19.00 4.52
C TYR A 29 8.23 -20.29 5.23
N LEU A 30 7.44 -20.13 6.31
CA LEU A 30 6.93 -21.27 7.09
C LEU A 30 6.10 -22.21 6.22
N LEU A 31 5.33 -21.63 5.30
CA LEU A 31 4.48 -22.42 4.40
C LEU A 31 5.31 -23.17 3.37
N THR A 32 6.32 -22.52 2.81
CA THR A 32 7.27 -23.19 1.91
C THR A 32 7.91 -24.40 2.59
N VAL A 33 8.41 -24.20 3.82
CA VAL A 33 8.97 -25.27 4.64
C VAL A 33 7.96 -26.39 4.87
N MET A 34 6.73 -26.05 5.28
CA MET A 34 5.72 -27.07 5.57
C MET A 34 5.27 -27.80 4.31
N ALA A 35 5.24 -27.09 3.16
CA ALA A 35 4.93 -27.71 1.86
C ALA A 35 5.90 -28.86 1.57
N ALA A 36 7.16 -28.66 1.93
CA ALA A 36 8.23 -29.63 1.70
C ALA A 36 8.11 -30.81 2.67
N ALA A 37 7.94 -30.51 3.95
CA ALA A 37 7.70 -31.56 4.94
C ALA A 37 6.51 -32.43 4.54
N ALA A 38 5.42 -31.78 4.14
CA ALA A 38 4.22 -32.48 3.72
C ALA A 38 4.47 -33.40 2.54
N LYS A 39 5.38 -33.01 1.63
CA LYS A 39 5.68 -33.79 0.45
C LYS A 39 6.47 -35.08 0.78
N ALA A 40 7.39 -35.00 1.72
CA ALA A 40 8.12 -36.18 2.16
C ALA A 40 7.16 -37.27 2.66
N PHE A 41 6.11 -36.85 3.36
CA PHE A 41 5.11 -37.77 3.93
C PHE A 41 4.15 -38.37 2.92
N LYS A 42 4.12 -37.80 1.72
CA LYS A 42 3.21 -38.32 0.70
C LYS A 42 3.90 -39.37 -0.15
N HIS A 43 5.19 -39.58 0.11
CA HIS A 43 5.97 -40.51 -0.69
C HIS A 43 5.56 -41.96 -0.39
N PRO A 44 5.30 -42.76 -1.44
CA PRO A 44 4.85 -44.15 -1.28
C PRO A 44 5.77 -45.01 -0.41
N SER A 45 7.03 -44.60 -0.25
CA SER A 45 7.99 -45.31 0.61
C SER A 45 7.45 -45.55 2.01
N ILE A 46 6.72 -44.55 2.52
CA ILE A 46 6.15 -44.57 3.84
C ILE A 46 5.03 -45.60 3.93
N ARG A 47 4.58 -46.08 2.78
CA ARG A 47 3.55 -47.13 2.65
C ARG A 47 2.21 -46.83 3.35
N ASN A 48 1.92 -45.54 3.52
CA ASN A 48 0.72 -45.06 4.24
C ASN A 48 0.26 -43.69 3.71
N PRO A 49 -1.06 -43.47 3.64
CA PRO A 49 -1.52 -42.17 3.20
C PRO A 49 -1.58 -41.16 4.35
N VAL A 50 -0.62 -40.24 4.36
CA VAL A 50 -0.55 -39.22 5.41
C VAL A 50 -0.52 -37.81 4.83
N SER A 51 -1.57 -37.04 5.10
CA SER A 51 -1.58 -35.65 4.69
C SER A 51 -1.21 -34.76 5.86
N LEU A 52 -0.09 -34.07 5.71
CA LEU A 52 0.37 -33.11 6.70
C LEU A 52 -0.28 -31.77 6.38
N VAL A 53 -1.20 -31.34 7.23
CA VAL A 53 -2.02 -30.18 6.94
C VAL A 53 -1.88 -29.09 8.01
N VAL A 54 -1.63 -27.87 7.57
CA VAL A 54 -1.50 -26.75 8.46
C VAL A 54 -2.87 -26.12 8.67
N THR A 55 -3.38 -26.20 9.90
CA THR A 55 -4.68 -25.65 10.21
C THR A 55 -4.58 -24.34 10.99
N ARG A 56 -3.47 -24.18 11.74
CA ARG A 56 -3.21 -22.94 12.50
C ARG A 56 -1.73 -22.52 12.45
N LEU A 57 -1.48 -21.22 12.35
CA LEU A 57 -0.10 -20.70 12.32
C LEU A 57 0.04 -19.48 13.24
N VAL A 58 0.93 -19.55 14.20
CA VAL A 58 1.07 -18.49 15.22
C VAL A 58 2.49 -17.90 15.22
N ILE A 59 2.59 -16.58 15.15
CA ILE A 59 3.88 -15.88 15.22
C ILE A 59 3.95 -15.11 16.55
N LEU A 60 5.00 -15.35 17.33
CA LEU A 60 5.11 -14.76 18.68
C LEU A 60 5.93 -13.46 18.77
N GLU A 65 3.89 -13.59 24.06
CA GLU A 65 4.09 -14.22 25.35
C GLU A 65 3.80 -15.72 25.30
N GLY A 66 4.87 -16.52 25.27
CA GLY A 66 4.75 -17.96 25.13
C GLY A 66 5.86 -18.76 25.78
N PRO A 67 6.37 -19.77 25.05
CA PRO A 67 7.33 -20.76 25.55
C PRO A 67 8.70 -20.17 25.86
N GLN A 68 9.38 -20.80 26.81
CA GLN A 68 10.75 -20.45 27.17
C GLN A 68 11.69 -21.12 26.16
N VAL A 69 12.42 -20.31 25.42
CA VAL A 69 13.32 -20.83 24.38
C VAL A 69 14.78 -20.51 24.72
N GLY A 70 15.52 -21.57 25.05
CA GLY A 70 16.93 -21.46 25.43
C GLY A 70 17.78 -22.43 24.66
N PRO A 71 19.08 -22.55 25.01
CA PRO A 71 19.97 -23.45 24.28
C PRO A 71 19.65 -24.93 24.50
N SER A 72 19.15 -25.29 25.68
CA SER A 72 18.77 -26.67 25.96
C SER A 72 17.55 -27.12 25.15
N ALA A 73 17.77 -28.09 24.25
CA ALA A 73 16.70 -28.63 23.41
C ALA A 73 15.66 -29.42 24.22
N ALA A 74 16.13 -30.22 25.17
CA ALA A 74 15.25 -30.96 26.07
C ALA A 74 14.32 -30.02 26.84
N GLN A 75 14.89 -28.89 27.27
CA GLN A 75 14.16 -27.90 28.05
C GLN A 75 13.15 -27.13 27.19
N THR A 76 13.58 -26.66 26.03
CA THR A 76 12.70 -25.90 25.13
C THR A 76 11.49 -26.73 24.70
N LEU A 77 11.71 -28.03 24.49
CA LEU A 77 10.64 -28.93 24.07
C LEU A 77 9.57 -29.07 25.14
N ARG A 78 10.00 -29.32 26.38
CA ARG A 78 9.10 -29.46 27.52
C ARG A 78 8.27 -28.20 27.72
N SER A 79 8.89 -27.05 27.52
CA SER A 79 8.23 -25.76 27.68
C SER A 79 7.15 -25.54 26.63
N PHE A 80 7.53 -25.74 25.36
CA PHE A 80 6.62 -25.59 24.21
C PHE A 80 5.44 -26.56 24.30
N CYS A 81 5.71 -27.78 24.75
CA CYS A 81 4.67 -28.81 24.84
C CYS A 81 3.57 -28.51 25.86
N ALA A 82 3.96 -27.89 26.98
CA ALA A 82 3.00 -27.50 28.01
C ALA A 82 2.31 -26.18 27.66
N TRP A 83 2.96 -25.38 26.81
CA TRP A 83 2.40 -24.12 26.33
C TRP A 83 1.34 -24.38 25.26
N GLN A 84 1.76 -25.04 24.17
CA GLN A 84 0.87 -25.49 23.08
C GLN A 84 -0.48 -26.00 23.59
N ARG A 85 -0.46 -26.73 24.70
CA ARG A 85 -1.64 -27.36 25.28
C ARG A 85 -2.76 -26.36 25.61
N GLY A 86 -2.38 -25.10 25.85
CA GLY A 86 -3.33 -24.04 26.15
C GLY A 86 -4.10 -23.56 24.95
N LEU A 87 -3.53 -23.75 23.76
CA LEU A 87 -4.16 -23.31 22.51
C LEU A 87 -5.07 -24.39 21.92
N ASN A 88 -5.05 -25.58 22.51
CA ASN A 88 -5.85 -26.69 22.00
C ASN A 88 -7.30 -26.58 22.47
N THR A 89 -8.13 -27.54 22.08
CA THR A 89 -9.54 -27.58 22.46
C THR A 89 -9.92 -29.01 22.85
N PRO A 90 -10.90 -29.16 23.77
CA PRO A 90 -11.36 -30.50 24.16
C PRO A 90 -11.56 -31.50 22.99
N GLU A 91 -12.46 -31.21 22.06
CA GLU A 91 -12.80 -32.17 20.99
C GLU A 91 -12.18 -31.86 19.63
N ASP A 92 -12.08 -32.89 18.79
CA ASP A 92 -11.52 -32.75 17.44
C ASP A 92 -12.61 -32.39 16.42
N SER A 93 -13.83 -32.23 16.91
CA SER A 93 -14.94 -31.70 16.12
C SER A 93 -14.70 -30.22 15.83
N ASP A 94 -14.14 -29.52 16.82
CA ASP A 94 -13.95 -28.07 16.76
C ASP A 94 -12.84 -27.70 15.78
N PRO A 95 -13.16 -26.89 14.75
CA PRO A 95 -12.20 -26.48 13.71
C PRO A 95 -10.91 -25.84 14.23
N ASP A 96 -10.85 -25.58 15.53
CA ASP A 96 -9.66 -25.02 16.16
C ASP A 96 -8.75 -26.07 16.82
N HIS A 97 -9.19 -27.33 16.84
CA HIS A 97 -8.40 -28.43 17.38
C HIS A 97 -7.25 -28.79 16.44
N PHE A 98 -6.10 -29.12 17.00
CA PHE A 98 -4.94 -29.57 16.23
C PHE A 98 -4.36 -30.86 16.80
N ASP A 99 -3.83 -31.70 15.93
CA ASP A 99 -3.34 -33.02 16.34
C ASP A 99 -1.83 -33.04 16.67
N THR A 100 -1.12 -31.99 16.29
CA THR A 100 0.33 -31.94 16.46
C THR A 100 0.80 -30.49 16.51
N ALA A 101 1.86 -30.24 17.26
CA ALA A 101 2.42 -28.90 17.39
C ALA A 101 3.92 -28.88 17.09
N ILE A 102 4.33 -27.96 16.22
CA ILE A 102 5.73 -27.81 15.89
C ILE A 102 6.17 -26.33 16.02
N LEU A 103 7.18 -26.09 16.86
CA LEU A 103 7.78 -24.76 17.00
C LEU A 103 9.00 -24.65 16.09
N PHE A 104 9.16 -23.49 15.46
CA PHE A 104 10.37 -23.16 14.69
C PHE A 104 11.09 -21.99 15.36
N THR A 105 12.40 -22.13 15.54
CA THR A 105 13.19 -21.09 16.19
C THR A 105 14.53 -20.86 15.49
N ARG A 106 15.03 -19.63 15.52
CA ARG A 106 16.39 -19.35 15.02
C ARG A 106 17.45 -19.55 16.10
N GLN A 107 16.97 -19.81 17.32
CA GLN A 107 17.81 -20.15 18.47
C GLN A 107 18.67 -21.37 18.16
N ASP A 108 19.95 -21.31 18.48
CA ASP A 108 20.81 -22.47 18.31
C ASP A 108 20.48 -23.51 19.38
N LEU A 109 19.63 -24.47 19.00
CA LEU A 109 19.21 -25.56 19.87
C LEU A 109 20.36 -26.51 20.10
N CYS A 110 20.52 -26.93 21.35
CA CYS A 110 21.71 -27.62 21.77
C CYS A 110 21.37 -28.82 22.68
N GLY A 111 21.91 -29.99 22.33
CA GLY A 111 21.71 -31.22 23.10
C GLY A 111 22.57 -31.30 24.36
N VAL A 112 22.73 -32.51 24.90
CA VAL A 112 23.47 -32.70 26.16
C VAL A 112 25.00 -32.65 25.99
N SER A 113 25.48 -32.98 24.79
CA SER A 113 26.91 -32.99 24.48
C SER A 113 27.35 -31.86 23.55
N THR A 114 26.68 -31.74 22.41
CA THR A 114 27.06 -30.79 21.37
C THR A 114 25.88 -29.91 20.94
N CYS A 115 26.16 -28.87 20.16
CA CYS A 115 25.14 -27.97 19.63
C CYS A 115 24.72 -28.32 18.20
N ASP A 116 25.27 -29.41 17.65
CA ASP A 116 24.89 -29.91 16.32
C ASP A 116 23.44 -30.39 16.28
N THR A 117 22.83 -30.60 17.44
CA THR A 117 21.40 -30.89 17.55
C THR A 117 20.58 -29.89 16.72
N LEU A 118 19.68 -30.41 15.90
CA LEU A 118 18.84 -29.56 15.05
C LEU A 118 17.34 -29.58 15.41
N GLY A 119 16.95 -30.49 16.30
CA GLY A 119 15.56 -30.56 16.73
C GLY A 119 15.29 -31.69 17.70
N MET A 120 14.09 -31.74 18.22
CA MET A 120 13.75 -32.72 19.25
C MET A 120 12.26 -33.04 19.28
N ALA A 121 11.95 -34.31 19.54
CA ALA A 121 10.57 -34.76 19.71
C ALA A 121 10.53 -36.08 20.48
N ASP A 122 9.51 -36.23 21.33
CA ASP A 122 9.25 -37.51 21.94
C ASP A 122 8.56 -38.42 20.92
N VAL A 123 8.86 -39.71 20.99
CA VAL A 123 8.53 -40.71 19.99
C VAL A 123 7.16 -41.34 20.28
N GLY A 124 6.27 -41.30 19.29
CA GLY A 124 4.97 -41.98 19.39
C GLY A 124 3.97 -41.25 20.26
N THR A 125 3.62 -40.04 19.82
CA THR A 125 2.81 -39.14 20.63
C THR A 125 1.64 -38.51 19.87
N VAL A 126 1.45 -38.91 18.61
CA VAL A 126 0.61 -38.14 17.68
C VAL A 126 -0.83 -37.84 18.15
N CYS A 127 -1.43 -38.76 18.90
CA CYS A 127 -2.80 -38.58 19.35
C CYS A 127 -2.93 -38.27 20.85
N ASP A 128 -1.81 -37.95 21.46
CA ASP A 128 -1.80 -37.42 22.81
C ASP A 128 -1.60 -35.91 22.73
N PRO A 129 -2.70 -35.14 22.85
CA PRO A 129 -2.66 -33.67 22.75
C PRO A 129 -1.69 -32.99 23.74
N ALA A 130 -1.24 -33.75 24.75
CA ALA A 130 -0.32 -33.25 25.75
C ALA A 130 1.14 -33.57 25.41
N ARG A 131 1.34 -34.48 24.46
CA ARG A 131 2.70 -34.92 24.10
C ARG A 131 3.07 -34.77 22.62
N SER A 132 2.07 -34.58 21.76
CA SER A 132 2.25 -34.51 20.30
C SER A 132 3.03 -33.24 19.92
N CYS A 133 4.35 -33.32 19.96
CA CYS A 133 5.21 -32.12 20.02
C CYS A 133 6.54 -32.23 19.29
N ALA A 134 6.93 -31.13 18.63
CA ALA A 134 8.24 -31.05 17.99
C ALA A 134 8.82 -29.63 18.02
N ILE A 135 10.12 -29.52 18.25
CA ILE A 135 10.82 -28.25 18.01
C ILE A 135 11.86 -28.40 16.89
N VAL A 136 12.06 -27.33 16.11
CA VAL A 136 13.01 -27.35 14.99
C VAL A 136 13.89 -26.09 14.93
N GLU A 137 15.20 -26.30 14.86
CA GLU A 137 16.13 -25.21 14.69
C GLU A 137 16.20 -24.86 13.21
N ASP A 138 15.80 -23.64 12.89
CA ASP A 138 15.72 -23.17 11.51
C ASP A 138 17.09 -22.66 11.07
N ASP A 139 17.71 -23.41 10.16
CA ASP A 139 18.97 -23.00 9.56
C ASP A 139 18.84 -22.95 8.05
N GLY A 140 17.69 -22.48 7.58
CA GLY A 140 17.38 -22.42 6.16
C GLY A 140 16.37 -23.50 5.78
N LEU A 141 16.18 -23.65 4.47
CA LEU A 141 15.19 -24.56 3.90
C LEU A 141 15.33 -26.02 4.33
N GLN A 142 16.56 -26.43 4.61
CA GLN A 142 16.84 -27.75 5.19
C GLN A 142 15.97 -28.09 6.39
N SER A 143 15.47 -27.07 7.07
CA SER A 143 14.67 -27.26 8.27
C SER A 143 13.40 -28.07 7.97
N ALA A 144 12.94 -28.02 6.72
CA ALA A 144 11.84 -28.86 6.25
C ALA A 144 12.17 -30.33 6.47
N PHE A 145 13.41 -30.68 6.23
CA PHE A 145 13.92 -32.03 6.44
C PHE A 145 14.00 -32.37 7.93
N THR A 146 14.41 -31.41 8.76
CA THR A 146 14.48 -31.63 10.20
C THR A 146 13.07 -31.90 10.72
N ALA A 147 12.11 -31.14 10.19
CA ALA A 147 10.70 -31.28 10.53
C ALA A 147 10.16 -32.66 10.19
N ALA A 148 10.36 -33.08 8.94
CA ALA A 148 9.90 -34.42 8.50
C ALA A 148 10.46 -35.50 9.41
N HIS A 149 11.72 -35.34 9.81
CA HIS A 149 12.38 -36.27 10.71
C HIS A 149 11.69 -36.25 12.09
N GLN A 150 11.45 -35.04 12.60
CA GLN A 150 10.86 -34.84 13.91
C GLN A 150 9.45 -35.40 14.00
N LEU A 151 8.67 -35.21 12.94
CA LEU A 151 7.32 -35.78 12.86
C LEU A 151 7.40 -37.28 12.75
N GLY A 152 8.44 -37.77 12.06
CA GLY A 152 8.78 -39.20 12.04
C GLY A 152 8.83 -39.79 13.43
N HIS A 153 9.62 -39.15 14.31
CA HIS A 153 9.65 -39.53 15.71
C HIS A 153 8.24 -39.48 16.33
N VAL A 154 7.52 -38.36 16.12
CA VAL A 154 6.14 -38.18 16.61
C VAL A 154 5.25 -39.36 16.19
N PHE A 155 5.51 -39.89 14.99
CA PHE A 155 4.81 -41.06 14.47
C PHE A 155 5.43 -42.41 14.88
N ASN A 156 6.21 -42.41 15.97
CA ASN A 156 6.75 -43.65 16.59
C ASN A 156 7.99 -44.29 15.93
N MET A 157 8.56 -43.63 14.93
CA MET A 157 9.73 -44.16 14.23
C MET A 157 10.99 -44.00 15.07
N LEU A 158 11.92 -44.93 14.90
CA LEU A 158 13.23 -44.83 15.53
C LEU A 158 14.27 -44.48 14.49
N HIS A 159 15.51 -44.25 14.92
CA HIS A 159 16.59 -44.01 13.97
C HIS A 159 16.96 -45.28 13.20
N ASP A 160 17.58 -45.11 12.04
CA ASP A 160 17.91 -46.25 11.17
C ASP A 160 19.09 -47.10 11.64
N ASN A 161 19.81 -46.62 12.65
CA ASN A 161 20.90 -47.41 13.24
C ASN A 161 20.54 -48.03 14.59
N SER A 162 19.29 -47.92 14.99
CA SER A 162 18.79 -48.59 16.19
C SER A 162 18.73 -50.11 15.94
N LYS A 163 18.83 -50.90 17.01
CA LYS A 163 18.83 -52.36 16.88
C LYS A 163 17.66 -52.96 16.06
N PRO A 164 16.40 -52.54 16.35
CA PRO A 164 15.29 -53.06 15.53
C PRO A 164 15.37 -52.70 14.04
N CYS A 165 15.81 -51.48 13.72
CA CYS A 165 15.97 -51.07 12.32
C CYS A 165 17.04 -51.83 11.53
N ILE A 166 18.19 -52.09 12.15
CA ILE A 166 19.25 -52.90 11.54
C ILE A 166 18.64 -54.17 10.94
N SER A 167 17.80 -54.84 11.72
CA SER A 167 17.14 -56.07 11.29
C SER A 167 16.22 -55.88 10.09
N LEU A 168 15.35 -54.87 10.15
CA LEU A 168 14.37 -54.61 9.09
C LEU A 168 14.98 -53.94 7.84
N ASN A 169 15.99 -53.10 8.06
CA ASN A 169 16.67 -52.35 6.99
C ASN A 169 17.58 -53.22 6.14
N GLY A 170 18.11 -54.29 6.73
CA GLY A 170 19.02 -55.19 6.05
C GLY A 170 20.48 -54.79 6.21
N PRO A 171 21.41 -55.74 6.03
CA PRO A 171 22.84 -55.49 6.20
C PRO A 171 23.47 -54.51 5.18
N LEU A 172 22.73 -54.14 4.13
CA LEU A 172 23.27 -53.27 3.07
C LEU A 172 22.73 -51.84 3.11
N SER A 173 21.92 -51.52 4.12
CA SER A 173 21.28 -50.22 4.21
C SER A 173 22.25 -49.12 4.66
N THR A 174 22.45 -48.14 3.77
CA THR A 174 23.30 -46.99 4.05
C THR A 174 22.46 -45.94 4.74
N SER A 175 23.08 -44.83 5.13
CA SER A 175 22.32 -43.71 5.71
C SER A 175 21.90 -42.70 4.63
N ARG A 176 20.81 -43.04 3.94
CA ARG A 176 20.25 -42.18 2.90
C ARG A 176 18.74 -41.97 3.10
N HIS A 177 18.30 -42.07 4.36
CA HIS A 177 16.89 -42.00 4.69
C HIS A 177 16.60 -40.92 5.73
N VAL A 178 15.34 -40.50 5.80
CA VAL A 178 14.89 -39.45 6.72
C VAL A 178 15.28 -39.72 8.18
N MET A 179 15.15 -40.98 8.60
CA MET A 179 15.36 -41.32 10.01
C MET A 179 16.80 -41.74 10.36
N ALA A 180 17.74 -41.26 9.56
CA ALA A 180 19.17 -41.37 9.85
C ALA A 180 19.48 -40.62 11.14
N PRO A 181 20.46 -41.10 11.94
CA PRO A 181 20.76 -40.41 13.21
C PRO A 181 21.40 -39.03 13.02
N VAL A 182 22.04 -38.82 11.87
CA VAL A 182 22.59 -37.52 11.51
C VAL A 182 21.98 -37.03 10.20
N MET A 183 22.10 -35.73 9.93
CA MET A 183 21.64 -35.17 8.66
C MET A 183 22.23 -35.97 7.51
N ALA A 184 21.39 -36.39 6.59
CA ALA A 184 21.80 -37.22 5.49
C ALA A 184 21.21 -36.74 4.18
N HIS A 185 21.91 -36.97 3.07
CA HIS A 185 21.32 -36.76 1.75
C HIS A 185 20.35 -37.90 1.46
N VAL A 186 19.07 -37.56 1.37
CA VAL A 186 18.03 -38.58 1.31
C VAL A 186 17.70 -39.01 -0.12
N ASP A 187 17.51 -40.31 -0.29
CA ASP A 187 17.16 -40.90 -1.58
C ASP A 187 15.82 -40.36 -2.03
N PRO A 188 15.80 -39.58 -3.13
CA PRO A 188 14.50 -39.10 -3.63
C PRO A 188 13.59 -40.25 -4.07
N GLU A 189 14.16 -41.35 -4.54
CA GLU A 189 13.40 -42.55 -4.93
C GLU A 189 12.87 -43.32 -3.73
N GLU A 190 13.47 -43.09 -2.55
CA GLU A 190 13.09 -43.83 -1.34
C GLU A 190 13.53 -43.12 -0.05
N PRO A 191 12.79 -42.07 0.35
CA PRO A 191 13.18 -41.29 1.52
C PRO A 191 13.03 -42.05 2.82
N TRP A 192 12.07 -42.98 2.87
CA TRP A 192 11.77 -43.71 4.10
C TRP A 192 12.32 -45.11 4.05
N SER A 193 13.03 -45.50 5.10
CA SER A 193 13.54 -46.86 5.21
C SER A 193 12.40 -47.85 5.42
N PRO A 194 12.62 -49.12 5.04
CA PRO A 194 11.63 -50.14 5.39
C PRO A 194 11.32 -50.15 6.89
N CYS A 195 12.26 -49.71 7.72
CA CYS A 195 12.05 -49.62 9.16
C CYS A 195 11.04 -48.55 9.50
N SER A 196 11.23 -47.36 8.93
CA SER A 196 10.31 -46.26 9.11
C SER A 196 8.87 -46.66 8.72
N ALA A 197 8.72 -47.26 7.54
CA ALA A 197 7.43 -47.70 7.04
C ALA A 197 6.75 -48.72 7.95
N ARG A 198 7.54 -49.60 8.55
CA ARG A 198 6.99 -50.64 9.42
C ARG A 198 6.54 -50.05 10.76
N PHE A 199 7.32 -49.13 11.29
CA PHE A 199 7.03 -48.52 12.59
C PHE A 199 5.75 -47.68 12.56
N ILE A 200 5.63 -46.82 11.54
CA ILE A 200 4.40 -46.04 11.34
C ILE A 200 3.19 -46.94 11.04
N THR A 201 3.37 -47.93 10.16
CA THR A 201 2.31 -48.91 9.86
C THR A 201 1.76 -49.55 11.14
N ASP A 202 2.66 -50.17 11.91
CA ASP A 202 2.30 -50.82 13.16
C ASP A 202 1.66 -49.84 14.15
N PHE A 203 2.19 -48.62 14.18
CA PHE A 203 1.68 -47.55 15.05
C PHE A 203 0.22 -47.20 14.73
N LEU A 204 -0.09 -47.15 13.44
CA LEU A 204 -1.44 -46.82 12.98
C LEU A 204 -2.41 -48.02 13.10
N ASP A 205 -1.91 -49.23 12.85
CA ASP A 205 -2.77 -50.42 12.89
C ASP A 205 -3.17 -50.77 14.32
N ASN A 206 -2.37 -50.32 15.29
CA ASN A 206 -2.66 -50.52 16.70
C ASN A 206 -3.48 -49.37 17.31
N GLY A 207 -4.09 -48.58 16.43
CA GLY A 207 -5.05 -47.54 16.83
C GLY A 207 -4.48 -46.27 17.43
N TYR A 208 -3.17 -46.08 17.36
CA TYR A 208 -2.55 -44.89 17.94
C TYR A 208 -2.68 -43.63 17.08
N GLY A 209 -3.32 -43.75 15.92
CA GLY A 209 -3.58 -42.60 15.04
C GLY A 209 -5.04 -42.25 14.90
N HIS A 210 -5.85 -42.62 15.89
CA HIS A 210 -7.30 -42.41 15.85
C HIS A 210 -7.68 -40.95 15.59
N CYS A 211 -6.90 -40.04 16.16
CA CYS A 211 -7.14 -38.61 16.04
C CYS A 211 -6.88 -38.02 14.64
N LEU A 212 -6.51 -38.88 13.70
CA LEU A 212 -6.08 -38.41 12.38
C LEU A 212 -7.07 -38.73 11.28
N LEU A 213 -8.22 -39.25 11.66
CA LEU A 213 -9.17 -39.78 10.68
C LEU A 213 -10.10 -38.73 10.05
N ASP A 214 -10.40 -37.65 10.78
CA ASP A 214 -11.24 -36.57 10.26
C ASP A 214 -10.50 -35.64 9.27
N LYS A 215 -11.25 -35.08 8.33
CA LYS A 215 -10.68 -34.16 7.35
C LYS A 215 -10.77 -32.71 7.86
N PRO A 216 -9.66 -31.94 7.71
CA PRO A 216 -9.59 -30.59 8.28
C PRO A 216 -10.61 -29.61 7.71
N GLU A 217 -11.13 -28.74 8.57
CA GLU A 217 -12.14 -27.75 8.22
C GLU A 217 -11.71 -26.84 7.06
N ALA A 218 -10.62 -26.09 7.27
CA ALA A 218 -10.13 -25.11 6.30
C ALA A 218 -8.62 -24.93 6.48
N PRO A 219 -7.84 -25.72 5.73
CA PRO A 219 -6.41 -25.71 5.89
C PRO A 219 -5.77 -24.52 5.20
N LEU A 220 -4.75 -23.96 5.83
CA LEU A 220 -3.94 -22.93 5.19
C LEU A 220 -3.47 -23.47 3.85
N HIS A 221 -3.27 -22.58 2.89
CA HIS A 221 -2.93 -23.02 1.56
C HIS A 221 -1.42 -23.16 1.45
N LEU A 222 -0.96 -24.40 1.32
CA LEU A 222 0.46 -24.64 1.13
C LEU A 222 0.84 -24.45 -0.34
N PRO A 223 1.96 -23.77 -0.60
CA PRO A 223 2.39 -23.57 -1.98
C PRO A 223 2.63 -24.88 -2.74
N VAL A 224 2.54 -24.80 -4.06
CA VAL A 224 2.61 -25.96 -4.96
C VAL A 224 3.93 -25.91 -5.75
N THR A 225 4.49 -24.71 -5.84
CA THR A 225 5.75 -24.47 -6.52
C THR A 225 6.92 -25.18 -5.83
N PHE A 226 8.05 -25.26 -6.53
CA PHE A 226 9.29 -25.81 -5.99
C PHE A 226 9.98 -24.81 -5.06
N PRO A 227 10.52 -25.29 -3.92
CA PRO A 227 11.24 -24.43 -2.95
C PRO A 227 12.41 -23.65 -3.59
N GLY A 228 13.14 -24.30 -4.50
CA GLY A 228 14.19 -23.63 -5.26
C GLY A 228 13.71 -22.62 -6.29
N LYS A 229 12.40 -22.46 -6.42
CA LYS A 229 11.83 -21.40 -7.27
C LYS A 229 11.31 -20.24 -6.44
N ASP A 230 10.71 -20.57 -5.29
CA ASP A 230 10.29 -19.57 -4.29
C ASP A 230 11.51 -18.80 -3.81
N TYR A 231 12.62 -19.54 -3.65
CA TYR A 231 13.89 -19.00 -3.17
C TYR A 231 15.05 -19.42 -4.06
N ASP A 232 15.69 -18.44 -4.71
CA ASP A 232 16.88 -18.70 -5.53
C ASP A 232 18.11 -18.97 -4.67
N ALA A 233 19.23 -19.35 -5.33
CA ALA A 233 20.46 -19.69 -4.64
C ALA A 233 20.89 -18.61 -3.64
N ASP A 234 20.84 -17.35 -4.07
CA ASP A 234 21.14 -16.22 -3.20
C ASP A 234 20.25 -16.14 -1.96
N ARG A 235 18.94 -16.33 -2.14
CA ARG A 235 18.01 -16.27 -1.01
C ARG A 235 18.28 -17.42 -0.06
N GLN A 236 18.60 -18.60 -0.61
CA GLN A 236 18.91 -19.79 0.19
C GLN A 236 20.17 -19.60 1.05
N CYS A 237 21.13 -18.83 0.52
CA CYS A 237 22.34 -18.51 1.27
C CYS A 237 22.05 -17.50 2.37
N GLN A 238 21.18 -16.55 2.03
CA GLN A 238 20.69 -15.54 2.96
C GLN A 238 19.92 -16.18 4.10
N LEU A 239 19.15 -17.22 3.77
CA LEU A 239 18.32 -17.91 4.73
C LEU A 239 19.15 -18.73 5.72
N THR A 240 20.26 -19.29 5.25
CA THR A 240 21.13 -20.09 6.10
C THR A 240 22.15 -19.22 6.86
N PHE A 241 22.78 -18.25 6.17
CA PHE A 241 23.92 -17.52 6.74
C PHE A 241 23.70 -16.06 7.06
N GLY A 242 22.64 -15.45 6.54
CA GLY A 242 22.33 -14.05 6.82
C GLY A 242 22.20 -13.21 5.57
N PRO A 243 21.68 -11.97 5.72
CA PRO A 243 21.28 -11.16 4.56
C PRO A 243 22.41 -10.76 3.63
N ASP A 244 23.64 -10.73 4.15
CA ASP A 244 24.81 -10.29 3.37
C ASP A 244 25.46 -11.43 2.60
N SER A 245 24.80 -12.57 2.56
CA SER A 245 25.39 -13.78 2.00
C SER A 245 24.85 -14.08 0.61
N ARG A 246 25.76 -14.23 -0.35
CA ARG A 246 25.39 -14.60 -1.71
C ARG A 246 25.89 -15.99 -2.05
N HIS A 247 25.37 -16.56 -3.13
CA HIS A 247 25.84 -17.84 -3.63
C HIS A 247 27.29 -17.72 -4.08
N CYS A 248 28.14 -18.64 -3.62
CA CYS A 248 29.51 -18.72 -4.11
C CYS A 248 29.50 -19.44 -5.44
N PRO A 249 30.00 -18.78 -6.50
CA PRO A 249 30.09 -19.49 -7.77
C PRO A 249 30.87 -20.78 -7.56
N GLN A 250 30.35 -21.90 -8.05
CA GLN A 250 31.06 -23.16 -7.91
C GLN A 250 31.49 -23.74 -9.24
N LEU A 251 32.67 -24.36 -9.23
CA LEU A 251 33.09 -25.26 -10.29
C LEU A 251 32.06 -26.40 -10.31
N PRO A 252 31.99 -27.18 -11.42
CA PRO A 252 30.82 -28.06 -11.57
C PRO A 252 30.78 -29.43 -10.87
N PRO A 253 30.45 -29.47 -9.56
CA PRO A 253 29.43 -30.40 -9.12
C PRO A 253 28.18 -29.60 -8.69
N PRO A 254 27.34 -29.16 -9.65
CA PRO A 254 26.19 -28.36 -9.22
C PRO A 254 25.15 -29.20 -8.50
N CYS A 255 24.40 -28.54 -7.60
CA CYS A 255 23.27 -29.14 -6.86
C CYS A 255 23.64 -29.93 -5.60
N ALA A 256 24.82 -30.54 -5.59
CA ALA A 256 25.23 -31.42 -4.49
C ALA A 256 25.36 -30.66 -3.15
N ALA A 257 26.01 -29.50 -3.18
CA ALA A 257 26.20 -28.71 -1.98
C ALA A 257 26.14 -27.21 -2.24
N LEU A 258 25.41 -26.52 -1.37
CA LEU A 258 25.27 -25.07 -1.47
C LEU A 258 26.43 -24.40 -0.76
N TRP A 259 27.19 -23.60 -1.51
CA TRP A 259 28.28 -22.81 -0.93
C TRP A 259 27.93 -21.32 -0.99
N CYS A 260 28.16 -20.65 0.12
CA CYS A 260 27.70 -19.28 0.32
C CYS A 260 28.84 -18.38 0.75
N SER A 261 28.70 -17.08 0.50
CA SER A 261 29.73 -16.12 0.88
C SER A 261 29.67 -15.79 2.36
N GLY A 262 30.77 -15.26 2.87
CA GLY A 262 30.88 -14.80 4.25
C GLY A 262 32.07 -13.87 4.36
N HIS A 263 32.19 -13.18 5.49
CA HIS A 263 33.30 -12.24 5.66
C HIS A 263 34.09 -12.43 6.94
N LEU A 264 35.37 -12.79 6.77
CA LEU A 264 36.27 -13.01 7.88
C LEU A 264 37.57 -12.23 7.69
N ASN A 265 37.79 -11.25 8.57
CA ASN A 265 38.99 -10.39 8.60
C ASN A 265 39.02 -9.24 7.58
N GLY A 266 37.95 -9.11 6.80
CA GLY A 266 37.83 -8.03 5.82
C GLY A 266 37.93 -8.46 4.37
N HIS A 267 37.86 -9.79 4.15
CA HIS A 267 37.79 -10.33 2.79
C HIS A 267 36.85 -11.51 2.66
N ALA A 268 36.36 -11.71 1.44
CA ALA A 268 35.41 -12.76 1.13
C ALA A 268 35.99 -14.16 1.34
N MET A 269 35.08 -15.11 1.54
CA MET A 269 35.40 -16.51 1.74
C MET A 269 34.12 -17.28 1.49
N CYS A 270 34.21 -18.60 1.32
CA CYS A 270 33.01 -19.40 1.10
C CYS A 270 32.75 -20.37 2.24
N GLN A 271 31.48 -20.76 2.38
CA GLN A 271 30.93 -21.31 3.61
C GLN A 271 29.88 -22.35 3.20
N THR A 272 29.69 -23.39 4.02
CA THR A 272 28.71 -24.43 3.69
C THR A 272 28.25 -25.23 4.92
N LYS A 273 26.98 -25.63 4.94
CA LYS A 273 26.49 -26.62 5.89
C LYS A 273 26.29 -27.96 5.18
N HIS A 274 26.88 -28.08 3.99
CA HIS A 274 26.83 -29.28 3.15
C HIS A 274 25.44 -29.73 2.67
N SER A 275 24.43 -28.90 2.87
CA SER A 275 23.09 -29.22 2.38
C SER A 275 22.99 -28.99 0.88
N PRO A 276 22.18 -29.82 0.18
CA PRO A 276 21.95 -29.62 -1.25
C PRO A 276 21.21 -28.32 -1.52
N TRP A 277 21.33 -27.82 -2.75
CA TRP A 277 20.47 -26.79 -3.28
C TRP A 277 19.04 -27.34 -3.18
N ALA A 278 18.09 -26.48 -2.87
CA ALA A 278 16.68 -26.85 -2.83
C ALA A 278 16.17 -27.40 -4.18
N ASP A 279 15.20 -28.29 -4.10
CA ASP A 279 14.51 -28.81 -5.27
C ASP A 279 13.95 -27.69 -6.12
N GLY A 280 14.36 -27.65 -7.38
CA GLY A 280 13.82 -26.71 -8.35
C GLY A 280 14.69 -25.50 -8.62
N THR A 281 15.82 -25.42 -7.92
CA THR A 281 16.79 -24.37 -8.14
C THR A 281 17.43 -24.52 -9.52
N PRO A 282 17.35 -23.47 -10.37
CA PRO A 282 18.07 -23.46 -11.65
C PRO A 282 19.55 -23.83 -11.50
N CYS A 283 20.02 -24.71 -12.39
CA CYS A 283 21.43 -25.12 -12.44
C CYS A 283 21.96 -25.18 -13.87
N GLY A 284 21.32 -24.43 -14.76
CA GLY A 284 21.65 -24.46 -16.18
C GLY A 284 20.45 -24.07 -17.03
N PRO A 285 20.65 -23.90 -18.35
CA PRO A 285 19.61 -23.40 -19.25
C PRO A 285 18.21 -23.99 -18.99
N ALA A 286 18.01 -25.28 -19.29
CA ALA A 286 16.72 -25.92 -19.02
C ALA A 286 16.83 -27.00 -17.94
N GLN A 287 17.55 -26.66 -16.87
CA GLN A 287 17.90 -27.65 -15.84
C GLN A 287 17.65 -27.12 -14.43
N ALA A 288 17.23 -28.01 -13.54
CA ALA A 288 17.00 -27.68 -12.14
C ALA A 288 17.46 -28.79 -11.20
N CYS A 289 17.78 -28.45 -9.95
CA CYS A 289 18.23 -29.42 -8.96
C CYS A 289 17.08 -30.26 -8.46
N MET A 290 17.30 -31.58 -8.44
CA MET A 290 16.36 -32.51 -7.83
C MET A 290 17.12 -33.59 -7.07
N GLY A 291 17.02 -33.53 -5.74
CA GLY A 291 17.67 -34.51 -4.87
C GLY A 291 19.18 -34.47 -4.90
N GLY A 292 19.74 -33.30 -5.20
CA GLY A 292 21.19 -33.12 -5.23
C GLY A 292 21.83 -33.30 -6.59
N ARG A 293 21.01 -33.54 -7.62
CA ARG A 293 21.51 -33.71 -8.99
C ARG A 293 20.94 -32.67 -9.94
N CYS A 294 21.72 -32.26 -10.93
CA CYS A 294 21.27 -31.29 -11.94
C CYS A 294 20.59 -32.01 -13.09
N LEU A 295 19.26 -32.13 -13.03
CA LEU A 295 18.46 -32.82 -14.03
C LEU A 295 17.77 -31.88 -15.03
N HIS A 296 17.36 -32.43 -16.18
CA HIS A 296 16.53 -31.72 -17.15
C HIS A 296 15.06 -31.76 -16.74
N ALA B 2 -17.73 10.95 7.02
CA ALA B 2 -18.98 10.26 7.48
C ALA B 2 -19.46 9.20 6.48
N SER B 3 -19.85 8.04 6.99
CA SER B 3 -20.15 6.90 6.13
C SER B 3 -21.64 6.82 5.75
N LEU B 4 -21.89 6.93 4.44
CA LEU B 4 -23.25 7.10 3.93
C LEU B 4 -24.04 5.81 3.97
N SER B 5 -25.12 5.81 4.74
CA SER B 5 -26.00 4.63 4.83
C SER B 5 -26.64 4.31 3.47
N ARG B 6 -26.72 3.02 3.15
CA ARG B 6 -27.20 2.60 1.84
C ARG B 6 -28.31 1.56 1.88
N PHE B 7 -29.25 1.66 0.95
CA PHE B 7 -30.45 0.83 0.94
C PHE B 7 -30.61 0.08 -0.39
N VAL B 8 -30.70 -1.24 -0.31
CA VAL B 8 -30.90 -2.07 -1.49
C VAL B 8 -32.37 -2.51 -1.57
N GLU B 9 -33.14 -1.73 -2.31
CA GLU B 9 -34.54 -2.06 -2.57
C GLU B 9 -34.59 -3.30 -3.45
N THR B 10 -35.18 -4.37 -2.91
CA THR B 10 -35.06 -5.72 -3.48
C THR B 10 -36.40 -6.35 -3.80
N LEU B 11 -36.52 -6.85 -5.05
CA LEU B 11 -37.67 -7.65 -5.46
C LEU B 11 -37.32 -9.12 -5.22
N VAL B 12 -38.11 -9.78 -4.38
CA VAL B 12 -37.92 -11.20 -4.12
C VAL B 12 -38.96 -11.97 -4.92
N VAL B 13 -38.54 -12.96 -5.71
CA VAL B 13 -39.48 -13.77 -6.47
C VAL B 13 -39.36 -15.24 -6.07
N ALA B 14 -40.48 -15.95 -6.06
CA ALA B 14 -40.50 -17.39 -5.81
C ALA B 14 -41.35 -18.06 -6.88
N ASP B 15 -40.90 -19.23 -7.31
CA ASP B 15 -41.48 -19.85 -8.50
C ASP B 15 -42.47 -21.00 -8.22
N ASP B 16 -43.05 -21.48 -9.31
CA ASP B 16 -43.78 -22.73 -9.39
C ASP B 16 -43.37 -23.73 -8.29
N LYS B 17 -42.07 -24.00 -8.20
CA LYS B 17 -41.52 -25.08 -7.39
C LYS B 17 -41.35 -24.74 -5.92
N MET B 18 -41.05 -23.48 -5.62
CA MET B 18 -41.03 -23.00 -4.25
C MET B 18 -42.40 -23.19 -3.56
N ALA B 19 -43.47 -22.81 -4.25
CA ALA B 19 -44.83 -22.84 -3.70
C ALA B 19 -45.35 -24.26 -3.45
N ALA B 20 -45.02 -25.16 -4.37
CA ALA B 20 -45.45 -26.56 -4.24
C ALA B 20 -44.79 -27.23 -3.02
N PHE B 21 -43.53 -26.92 -2.79
CA PHE B 21 -42.79 -27.45 -1.65
C PHE B 21 -43.24 -26.83 -0.32
N HIS B 22 -43.36 -25.50 -0.28
CA HIS B 22 -43.57 -24.77 0.96
C HIS B 22 -45.03 -24.58 1.35
N GLY B 23 -45.91 -24.61 0.36
CA GLY B 23 -47.34 -24.35 0.57
C GLY B 23 -47.59 -22.98 1.17
N ALA B 24 -48.49 -22.94 2.15
CA ALA B 24 -48.87 -21.70 2.82
C ALA B 24 -47.72 -21.06 3.57
N GLY B 25 -46.69 -21.85 3.88
CA GLY B 25 -45.55 -21.39 4.68
C GLY B 25 -44.48 -20.60 3.92
N LEU B 26 -44.70 -20.40 2.62
CA LEU B 26 -43.70 -19.80 1.74
C LEU B 26 -43.34 -18.35 2.05
N LYS B 27 -44.36 -17.49 2.12
CA LYS B 27 -44.14 -16.06 2.36
C LYS B 27 -43.27 -15.89 3.60
N ARG B 28 -43.71 -16.49 4.70
CA ARG B 28 -42.98 -16.47 5.96
C ARG B 28 -41.53 -16.92 5.77
N TYR B 29 -41.36 -18.10 5.16
CA TYR B 29 -40.04 -18.67 4.88
C TYR B 29 -39.17 -17.67 4.13
N LEU B 30 -39.70 -17.06 3.08
CA LEU B 30 -38.94 -16.11 2.29
C LEU B 30 -38.38 -14.96 3.14
N LEU B 31 -39.18 -14.48 4.09
CA LEU B 31 -38.75 -13.36 4.92
C LEU B 31 -37.68 -13.78 5.94
N THR B 32 -37.74 -15.03 6.40
CA THR B 32 -36.73 -15.60 7.30
C THR B 32 -35.36 -15.71 6.61
N VAL B 33 -35.34 -16.34 5.43
CA VAL B 33 -34.15 -16.41 4.60
C VAL B 33 -33.58 -15.01 4.36
N MET B 34 -34.45 -14.06 4.01
CA MET B 34 -33.98 -12.72 3.64
C MET B 34 -33.50 -11.95 4.85
N ALA B 35 -34.12 -12.22 6.01
CA ALA B 35 -33.72 -11.56 7.25
C ALA B 35 -32.29 -11.95 7.62
N ALA B 36 -31.91 -13.19 7.27
CA ALA B 36 -30.59 -13.71 7.56
C ALA B 36 -29.55 -13.17 6.57
N ALA B 37 -29.94 -13.09 5.29
CA ALA B 37 -29.08 -12.50 4.26
C ALA B 37 -28.80 -11.03 4.58
N ALA B 38 -29.81 -10.32 5.06
CA ALA B 38 -29.67 -8.90 5.39
C ALA B 38 -28.78 -8.68 6.62
N LYS B 39 -28.79 -9.63 7.55
CA LYS B 39 -27.99 -9.53 8.76
C LYS B 39 -26.50 -9.64 8.44
N ALA B 40 -26.16 -10.57 7.55
CA ALA B 40 -24.80 -10.75 7.08
C ALA B 40 -24.24 -9.44 6.49
N PHE B 41 -25.05 -8.75 5.68
CA PHE B 41 -24.64 -7.48 5.07
C PHE B 41 -24.47 -6.34 6.07
N LYS B 42 -24.76 -6.59 7.34
CA LYS B 42 -24.63 -5.54 8.35
C LYS B 42 -23.43 -5.71 9.28
N HIS B 43 -22.69 -6.81 9.12
CA HIS B 43 -21.48 -7.01 9.89
C HIS B 43 -20.45 -5.96 9.52
N PRO B 44 -19.76 -5.37 10.52
CA PRO B 44 -18.73 -4.37 10.22
C PRO B 44 -17.61 -4.88 9.30
N SER B 45 -17.51 -6.22 9.17
CA SER B 45 -16.58 -6.87 8.25
C SER B 45 -16.61 -6.27 6.86
N ILE B 46 -17.81 -5.87 6.43
CA ILE B 46 -18.02 -5.41 5.08
C ILE B 46 -17.54 -3.96 4.92
N ARG B 47 -17.21 -3.34 6.06
CA ARG B 47 -16.69 -1.98 6.16
C ARG B 47 -17.63 -0.91 5.59
N ASN B 48 -18.90 -1.28 5.36
CA ASN B 48 -19.91 -0.37 4.80
C ASN B 48 -21.31 -0.55 5.41
N PRO B 49 -22.01 0.57 5.67
CA PRO B 49 -23.43 0.45 6.03
C PRO B 49 -24.26 0.07 4.79
N VAL B 50 -24.70 -1.18 4.74
CA VAL B 50 -25.53 -1.67 3.64
C VAL B 50 -26.80 -2.35 4.15
N SER B 51 -27.96 -1.84 3.78
CA SER B 51 -29.25 -2.41 4.22
C SER B 51 -30.00 -3.13 3.11
N LEU B 52 -30.21 -4.44 3.29
CA LEU B 52 -31.09 -5.20 2.41
C LEU B 52 -32.53 -5.01 2.82
N VAL B 53 -33.30 -4.47 1.88
CA VAL B 53 -34.68 -4.17 2.12
C VAL B 53 -35.55 -4.82 1.05
N VAL B 54 -36.54 -5.60 1.48
CA VAL B 54 -37.50 -6.21 0.56
C VAL B 54 -38.65 -5.24 0.33
N THR B 55 -38.75 -4.72 -0.90
CA THR B 55 -39.80 -3.74 -1.22
C THR B 55 -40.98 -4.37 -1.95
N ARG B 56 -40.75 -5.55 -2.53
CA ARG B 56 -41.74 -6.25 -3.34
C ARG B 56 -41.48 -7.75 -3.35
N LEU B 57 -42.56 -8.54 -3.31
CA LEU B 57 -42.47 -9.98 -3.30
C LEU B 57 -43.51 -10.58 -4.24
N VAL B 58 -43.08 -11.52 -5.10
CA VAL B 58 -43.97 -12.14 -6.07
C VAL B 58 -43.86 -13.66 -6.02
N ILE B 59 -45.00 -14.33 -5.99
CA ILE B 59 -45.04 -15.78 -6.03
C ILE B 59 -45.72 -16.20 -7.34
N LEU B 60 -45.02 -17.01 -8.14
CA LEU B 60 -45.49 -17.37 -9.48
C LEU B 60 -46.33 -18.64 -9.52
N GLY B 61 -47.16 -18.76 -10.55
CA GLY B 61 -47.96 -19.97 -10.81
C GLY B 61 -47.46 -20.69 -12.05
N SER B 62 -48.38 -21.08 -12.93
CA SER B 62 -48.03 -21.72 -14.20
C SER B 62 -48.85 -21.18 -15.37
N GLY B 66 -44.06 -15.56 -16.33
CA GLY B 66 -43.01 -16.20 -15.54
C GLY B 66 -41.76 -16.56 -16.32
N PRO B 67 -40.58 -16.52 -15.67
CA PRO B 67 -39.33 -16.91 -16.32
C PRO B 67 -39.24 -18.41 -16.52
N GLN B 68 -38.52 -18.83 -17.55
CA GLN B 68 -38.30 -20.25 -17.83
C GLN B 68 -37.23 -20.85 -16.92
N VAL B 69 -37.69 -21.53 -15.87
CA VAL B 69 -36.82 -22.22 -14.94
C VAL B 69 -36.43 -23.57 -15.55
N GLY B 70 -35.15 -23.92 -15.40
CA GLY B 70 -34.61 -25.18 -15.92
C GLY B 70 -33.29 -25.52 -15.24
N PRO B 71 -32.81 -26.76 -15.45
CA PRO B 71 -31.56 -27.26 -14.87
C PRO B 71 -30.32 -26.38 -15.15
N SER B 72 -30.24 -25.80 -16.35
CA SER B 72 -29.16 -24.87 -16.65
C SER B 72 -29.28 -23.60 -15.81
N ALA B 73 -28.29 -23.35 -14.96
CA ALA B 73 -28.27 -22.15 -14.12
C ALA B 73 -28.09 -20.87 -14.94
N ALA B 74 -27.17 -20.89 -15.90
CA ALA B 74 -26.93 -19.74 -16.77
C ALA B 74 -28.17 -19.36 -17.58
N GLN B 75 -28.90 -20.38 -18.04
CA GLN B 75 -30.12 -20.19 -18.82
C GLN B 75 -31.25 -19.61 -17.97
N THR B 76 -31.38 -20.12 -16.74
CA THR B 76 -32.41 -19.64 -15.82
C THR B 76 -32.16 -18.17 -15.46
N LEU B 77 -30.90 -17.83 -15.17
CA LEU B 77 -30.51 -16.45 -14.86
C LEU B 77 -30.91 -15.48 -15.97
N ARG B 78 -30.44 -15.72 -17.19
CA ARG B 78 -30.72 -14.85 -18.34
C ARG B 78 -32.22 -14.63 -18.56
N SER B 79 -32.99 -15.72 -18.41
CA SER B 79 -34.44 -15.69 -18.55
C SER B 79 -35.08 -14.83 -17.45
N PHE B 80 -34.66 -15.07 -16.21
CA PHE B 80 -35.15 -14.29 -15.08
C PHE B 80 -34.74 -12.82 -15.17
N CYS B 81 -33.57 -12.57 -15.72
CA CYS B 81 -33.03 -11.22 -15.82
C CYS B 81 -33.80 -10.37 -16.82
N ALA B 82 -34.17 -10.96 -17.96
CA ALA B 82 -35.01 -10.30 -18.96
C ALA B 82 -36.42 -10.04 -18.41
N TRP B 83 -36.98 -11.03 -17.72
CA TRP B 83 -38.32 -10.94 -17.15
C TRP B 83 -38.40 -9.86 -16.08
N GLN B 84 -37.53 -9.96 -15.08
CA GLN B 84 -37.48 -8.99 -13.98
C GLN B 84 -37.68 -7.55 -14.46
N ARG B 85 -37.08 -7.25 -15.62
CA ARG B 85 -37.02 -5.90 -16.17
C ARG B 85 -38.40 -5.32 -16.41
N GLY B 86 -39.37 -6.20 -16.64
CA GLY B 86 -40.76 -5.79 -16.90
C GLY B 86 -41.49 -5.28 -15.67
N LEU B 87 -41.19 -5.85 -14.51
CA LEU B 87 -41.85 -5.45 -13.27
C LEU B 87 -41.30 -4.14 -12.70
N ASN B 88 -40.33 -3.54 -13.39
CA ASN B 88 -39.65 -2.34 -12.89
C ASN B 88 -40.22 -1.04 -13.45
N THR B 89 -39.84 0.07 -12.82
CA THR B 89 -40.22 1.41 -13.28
C THR B 89 -38.98 2.16 -13.75
N PRO B 90 -39.14 3.03 -14.76
CA PRO B 90 -38.03 3.85 -15.27
C PRO B 90 -37.27 4.67 -14.22
N GLU B 91 -37.92 4.99 -13.09
CA GLU B 91 -37.31 5.85 -12.07
C GLU B 91 -37.42 5.34 -10.63
N ASP B 92 -36.34 5.56 -9.86
CA ASP B 92 -36.26 5.15 -8.45
C ASP B 92 -37.15 6.00 -7.55
N SER B 93 -37.67 7.09 -8.11
CA SER B 93 -38.64 7.94 -7.44
C SER B 93 -39.91 7.17 -7.08
N ASP B 94 -40.33 6.28 -7.99
CA ASP B 94 -41.50 5.41 -7.80
C ASP B 94 -41.29 4.42 -6.66
N PRO B 95 -42.27 4.32 -5.73
CA PRO B 95 -42.21 3.36 -4.62
C PRO B 95 -42.21 1.91 -5.11
N ASP B 96 -42.38 1.72 -6.42
CA ASP B 96 -42.40 0.38 -7.01
C ASP B 96 -41.02 -0.04 -7.53
N HIS B 97 -40.19 0.93 -7.87
CA HIS B 97 -38.83 0.67 -8.35
C HIS B 97 -38.01 -0.16 -7.36
N PHE B 98 -37.23 -1.10 -7.89
CA PHE B 98 -36.30 -1.89 -7.09
C PHE B 98 -34.89 -1.82 -7.70
N ASP B 99 -33.88 -1.91 -6.85
CA ASP B 99 -32.48 -1.88 -7.27
C ASP B 99 -31.95 -3.26 -7.65
N THR B 100 -32.51 -4.31 -7.05
CA THR B 100 -32.08 -5.66 -7.40
C THR B 100 -33.22 -6.68 -7.40
N ALA B 101 -33.03 -7.80 -8.08
CA ALA B 101 -34.00 -8.87 -8.11
C ALA B 101 -33.37 -10.22 -7.79
N ILE B 102 -34.07 -11.03 -7.02
CA ILE B 102 -33.54 -12.31 -6.60
C ILE B 102 -34.63 -13.38 -6.64
N LEU B 103 -34.33 -14.49 -7.30
CA LEU B 103 -35.28 -15.57 -7.51
C LEU B 103 -34.88 -16.81 -6.74
N PHE B 104 -35.84 -17.39 -6.03
CA PHE B 104 -35.65 -18.64 -5.31
C PHE B 104 -36.43 -19.74 -6.01
N THR B 105 -35.83 -20.92 -6.11
CA THR B 105 -36.46 -22.08 -6.73
C THR B 105 -35.98 -23.39 -6.08
N ARG B 106 -36.83 -24.41 -6.07
CA ARG B 106 -36.45 -25.74 -5.57
C ARG B 106 -35.80 -26.60 -6.67
N GLN B 107 -35.67 -26.01 -7.87
CA GLN B 107 -35.05 -26.69 -9.00
C GLN B 107 -33.56 -26.87 -8.76
N ASP B 108 -33.07 -28.07 -9.03
CA ASP B 108 -31.64 -28.35 -8.90
C ASP B 108 -30.88 -27.62 -10.01
N LEU B 109 -30.27 -26.49 -9.65
CA LEU B 109 -29.48 -25.68 -10.59
C LEU B 109 -28.16 -26.37 -10.92
N CYS B 110 -27.70 -26.16 -12.17
CA CYS B 110 -26.47 -26.80 -12.66
C CYS B 110 -25.55 -25.84 -13.39
N GLY B 111 -24.26 -25.95 -13.11
CA GLY B 111 -23.23 -25.23 -13.87
C GLY B 111 -22.91 -25.95 -15.17
N VAL B 112 -21.77 -25.60 -15.77
CA VAL B 112 -21.37 -26.15 -17.06
C VAL B 112 -21.01 -27.65 -16.97
N SER B 113 -20.64 -28.06 -15.75
CA SER B 113 -20.11 -29.40 -15.49
C SER B 113 -20.94 -30.22 -14.50
N THR B 114 -21.43 -29.56 -13.46
CA THR B 114 -21.95 -30.23 -12.28
C THR B 114 -23.26 -29.63 -11.78
N CYS B 115 -23.88 -30.29 -10.80
CA CYS B 115 -25.12 -29.84 -10.17
C CYS B 115 -24.91 -29.29 -8.76
N ASP B 116 -23.70 -29.47 -8.22
CA ASP B 116 -23.35 -28.88 -6.92
C ASP B 116 -23.56 -27.36 -6.90
N THR B 117 -23.83 -26.77 -8.07
CA THR B 117 -24.16 -25.36 -8.22
C THR B 117 -25.36 -24.99 -7.35
N LEU B 118 -25.25 -23.88 -6.62
CA LEU B 118 -26.29 -23.44 -5.69
C LEU B 118 -26.87 -22.04 -5.98
N GLY B 119 -26.26 -21.32 -6.92
CA GLY B 119 -26.73 -19.99 -7.33
C GLY B 119 -25.91 -19.38 -8.45
N MET B 120 -26.34 -18.22 -8.93
CA MET B 120 -25.61 -17.52 -10.00
C MET B 120 -25.98 -16.03 -10.07
N ALA B 121 -25.01 -15.20 -10.44
CA ALA B 121 -25.22 -13.75 -10.69
C ALA B 121 -24.07 -13.16 -11.50
N ASP B 122 -24.34 -12.09 -12.24
CA ASP B 122 -23.26 -11.33 -12.87
C ASP B 122 -22.60 -10.42 -11.84
N VAL B 123 -21.40 -9.93 -12.16
CA VAL B 123 -20.59 -9.21 -11.19
C VAL B 123 -20.65 -7.70 -11.42
N GLY B 124 -20.91 -6.95 -10.34
CA GLY B 124 -20.90 -5.49 -10.38
C GLY B 124 -22.05 -4.89 -11.16
N THR B 125 -23.28 -5.24 -10.79
CA THR B 125 -24.46 -4.86 -11.56
C THR B 125 -25.53 -4.08 -10.79
N VAL B 126 -25.25 -3.77 -9.52
CA VAL B 126 -26.32 -3.34 -8.58
C VAL B 126 -27.20 -2.20 -9.06
N CYS B 127 -26.63 -1.23 -9.78
CA CYS B 127 -27.44 -0.09 -10.22
C CYS B 127 -27.72 -0.06 -11.73
N ASP B 128 -27.58 -1.22 -12.37
CA ASP B 128 -28.08 -1.43 -13.72
C ASP B 128 -29.35 -2.29 -13.66
N PRO B 129 -30.52 -1.65 -13.78
CA PRO B 129 -31.82 -2.36 -13.72
C PRO B 129 -31.95 -3.53 -14.71
N ALA B 130 -31.06 -3.56 -15.70
CA ALA B 130 -31.10 -4.57 -16.75
C ALA B 130 -30.18 -5.74 -16.46
N ARG B 131 -29.24 -5.56 -15.53
CA ARG B 131 -28.30 -6.63 -15.17
C ARG B 131 -28.32 -7.04 -13.71
N SER B 132 -28.92 -6.21 -12.84
CA SER B 132 -28.93 -6.45 -11.39
C SER B 132 -29.83 -7.61 -10.95
N CYS B 133 -29.31 -8.84 -11.11
CA CYS B 133 -30.11 -10.07 -10.92
C CYS B 133 -29.33 -11.18 -10.25
N ALA B 134 -30.07 -12.12 -9.66
CA ALA B 134 -29.48 -13.29 -9.04
C ALA B 134 -30.51 -14.40 -8.88
N ILE B 135 -30.06 -15.64 -9.08
CA ILE B 135 -30.89 -16.81 -8.78
C ILE B 135 -30.27 -17.64 -7.64
N VAL B 136 -31.14 -18.32 -6.88
CA VAL B 136 -30.73 -19.14 -5.76
C VAL B 136 -31.54 -20.44 -5.74
N GLU B 137 -30.83 -21.57 -5.67
CA GLU B 137 -31.47 -22.84 -5.42
C GLU B 137 -31.67 -22.94 -3.92
N ASP B 138 -32.92 -23.11 -3.50
CA ASP B 138 -33.27 -23.20 -2.09
C ASP B 138 -33.18 -24.64 -1.63
N ASP B 139 -32.23 -24.90 -0.74
CA ASP B 139 -31.98 -26.24 -0.20
C ASP B 139 -32.14 -26.23 1.32
N GLY B 140 -32.86 -25.24 1.83
CA GLY B 140 -32.98 -25.03 3.26
C GLY B 140 -32.61 -23.62 3.67
N LEU B 141 -32.63 -23.38 4.97
CA LEU B 141 -32.28 -22.07 5.53
C LEU B 141 -30.88 -21.64 5.15
N GLN B 142 -30.04 -22.58 4.72
CA GLN B 142 -28.72 -22.20 4.22
C GLN B 142 -28.80 -21.43 2.90
N SER B 143 -29.98 -21.43 2.27
CA SER B 143 -30.19 -20.65 1.05
C SER B 143 -29.96 -19.15 1.29
N ALA B 144 -30.19 -18.72 2.53
CA ALA B 144 -29.90 -17.34 2.95
C ALA B 144 -28.43 -17.01 2.76
N PHE B 145 -27.58 -18.02 2.90
CA PHE B 145 -26.14 -17.84 2.81
C PHE B 145 -25.69 -17.78 1.36
N THR B 146 -26.30 -18.62 0.53
CA THR B 146 -26.10 -18.57 -0.91
C THR B 146 -26.51 -17.20 -1.42
N ALA B 147 -27.67 -16.73 -0.95
CA ALA B 147 -28.21 -15.43 -1.32
C ALA B 147 -27.22 -14.29 -1.02
N ALA B 148 -26.66 -14.31 0.19
CA ALA B 148 -25.71 -13.29 0.60
C ALA B 148 -24.50 -13.29 -0.34
N HIS B 149 -24.07 -14.50 -0.72
CA HIS B 149 -22.95 -14.72 -1.63
C HIS B 149 -23.24 -14.19 -3.02
N GLN B 150 -24.43 -14.47 -3.56
CA GLN B 150 -24.83 -13.99 -4.89
C GLN B 150 -24.89 -12.47 -4.92
N LEU B 151 -25.47 -11.89 -3.88
CA LEU B 151 -25.53 -10.44 -3.72
C LEU B 151 -24.12 -9.85 -3.59
N GLY B 152 -23.23 -10.60 -2.95
CA GLY B 152 -21.81 -10.28 -2.91
C GLY B 152 -21.27 -10.02 -4.31
N HIS B 153 -21.53 -10.95 -5.23
CA HIS B 153 -21.14 -10.83 -6.63
C HIS B 153 -21.80 -9.61 -7.28
N VAL B 154 -23.06 -9.37 -6.91
CA VAL B 154 -23.82 -8.21 -7.43
C VAL B 154 -23.10 -6.91 -7.06
N PHE B 155 -22.55 -6.87 -5.84
CA PHE B 155 -21.73 -5.74 -5.39
C PHE B 155 -20.26 -5.81 -5.84
N ASN B 156 -19.98 -6.58 -6.89
CA ASN B 156 -18.65 -6.65 -7.52
C ASN B 156 -17.56 -7.45 -6.78
N MET B 157 -17.96 -8.32 -5.86
CA MET B 157 -17.00 -9.16 -5.15
C MET B 157 -16.58 -10.34 -6.02
N LEU B 158 -15.33 -10.78 -5.87
CA LEU B 158 -14.84 -11.97 -6.54
C LEU B 158 -14.62 -13.03 -5.47
N HIS B 159 -14.29 -14.26 -5.89
CA HIS B 159 -13.98 -15.31 -4.94
C HIS B 159 -12.63 -15.09 -4.24
N ASP B 160 -12.52 -15.60 -3.02
CA ASP B 160 -11.33 -15.40 -2.21
C ASP B 160 -10.10 -16.19 -2.67
N ASN B 161 -10.27 -17.05 -3.67
CA ASN B 161 -9.16 -17.81 -4.26
C ASN B 161 -8.65 -17.21 -5.58
N SER B 162 -9.36 -16.17 -6.05
CA SER B 162 -8.96 -15.43 -7.23
C SER B 162 -7.64 -14.70 -6.98
N LYS B 163 -6.94 -14.35 -8.07
CA LYS B 163 -5.63 -13.69 -8.01
C LYS B 163 -5.59 -12.40 -7.17
N PRO B 164 -6.51 -11.44 -7.42
CA PRO B 164 -6.40 -10.19 -6.66
C PRO B 164 -6.78 -10.32 -5.19
N CYS B 165 -7.59 -11.33 -4.86
CA CYS B 165 -7.99 -11.59 -3.48
C CYS B 165 -6.91 -12.28 -2.65
N ILE B 166 -6.05 -13.05 -3.32
CA ILE B 166 -4.93 -13.73 -2.66
C ILE B 166 -4.00 -12.68 -2.06
N SER B 167 -3.76 -11.60 -2.80
CA SER B 167 -2.89 -10.53 -2.33
C SER B 167 -3.49 -9.78 -1.13
N LEU B 168 -4.78 -9.44 -1.24
CA LEU B 168 -5.45 -8.66 -0.19
C LEU B 168 -5.81 -9.47 1.06
N ASN B 169 -6.11 -10.76 0.89
CA ASN B 169 -6.46 -11.61 2.04
C ASN B 169 -5.27 -12.08 2.89
N GLY B 170 -4.11 -12.18 2.25
CA GLY B 170 -2.90 -12.61 2.95
C GLY B 170 -2.59 -14.08 2.71
N PRO B 171 -1.37 -14.51 3.04
CA PRO B 171 -0.98 -15.90 2.87
C PRO B 171 -1.63 -16.87 3.87
N LEU B 172 -2.23 -16.34 4.93
CA LEU B 172 -2.80 -17.17 6.00
C LEU B 172 -4.32 -17.34 5.89
N SER B 173 -4.92 -16.73 4.87
CA SER B 173 -6.37 -16.79 4.69
C SER B 173 -6.87 -18.19 4.31
N THR B 174 -7.95 -18.60 4.95
CA THR B 174 -8.55 -19.90 4.68
C THR B 174 -10.02 -19.68 4.30
N SER B 175 -10.64 -20.67 3.68
CA SER B 175 -12.02 -20.50 3.24
C SER B 175 -12.96 -20.54 4.45
N ARG B 176 -13.12 -19.37 5.06
CA ARG B 176 -13.99 -19.18 6.22
C ARG B 176 -14.84 -17.91 6.03
N HIS B 177 -15.07 -17.52 4.77
CA HIS B 177 -15.75 -16.27 4.48
C HIS B 177 -16.81 -16.42 3.40
N VAL B 178 -17.69 -15.40 3.29
CA VAL B 178 -18.85 -15.46 2.40
C VAL B 178 -18.50 -15.74 0.92
N MET B 179 -17.49 -15.04 0.41
CA MET B 179 -17.14 -15.16 -1.00
C MET B 179 -16.11 -16.25 -1.31
N ALA B 180 -16.18 -17.35 -0.56
CA ALA B 180 -15.43 -18.55 -0.86
C ALA B 180 -16.01 -19.20 -2.12
N PRO B 181 -15.16 -19.85 -2.94
CA PRO B 181 -15.68 -20.40 -4.19
C PRO B 181 -16.58 -21.62 -4.00
N VAL B 182 -16.64 -22.13 -2.77
CA VAL B 182 -17.58 -23.21 -2.42
C VAL B 182 -18.22 -22.94 -1.08
N MET B 183 -19.23 -23.73 -0.73
CA MET B 183 -19.91 -23.59 0.56
C MET B 183 -18.92 -23.77 1.73
N ALA B 184 -18.81 -22.76 2.58
CA ALA B 184 -17.88 -22.81 3.70
C ALA B 184 -18.54 -22.48 5.03
N HIS B 185 -18.00 -23.01 6.12
CA HIS B 185 -18.35 -22.56 7.46
C HIS B 185 -17.70 -21.20 7.72
N VAL B 186 -18.50 -20.15 7.64
CA VAL B 186 -17.97 -18.81 7.70
C VAL B 186 -17.79 -18.37 9.15
N ASP B 187 -16.59 -17.86 9.44
CA ASP B 187 -16.26 -17.31 10.75
C ASP B 187 -17.19 -16.13 11.07
N PRO B 188 -18.04 -16.29 12.12
CA PRO B 188 -19.04 -15.29 12.50
C PRO B 188 -18.45 -13.98 13.01
N GLU B 189 -17.19 -14.00 13.44
CA GLU B 189 -16.48 -12.81 13.89
C GLU B 189 -15.94 -11.96 12.72
N GLU B 190 -15.79 -12.59 11.56
CA GLU B 190 -15.32 -11.92 10.34
C GLU B 190 -15.87 -12.60 9.07
N PRO B 191 -17.18 -12.45 8.81
CA PRO B 191 -17.79 -13.16 7.67
C PRO B 191 -17.25 -12.75 6.32
N TRP B 192 -16.96 -11.47 6.14
CA TRP B 192 -16.45 -10.97 4.86
C TRP B 192 -14.93 -10.86 4.93
N SER B 193 -14.28 -11.27 3.86
CA SER B 193 -12.82 -11.17 3.75
C SER B 193 -12.42 -9.71 3.56
N PRO B 194 -11.13 -9.39 3.80
CA PRO B 194 -10.63 -8.07 3.40
C PRO B 194 -10.73 -7.82 1.89
N CYS B 195 -10.72 -8.87 1.07
CA CYS B 195 -10.96 -8.73 -0.37
C CYS B 195 -12.39 -8.34 -0.69
N SER B 196 -13.34 -8.92 0.05
CA SER B 196 -14.74 -8.55 -0.09
C SER B 196 -14.96 -7.09 0.30
N ALA B 197 -14.48 -6.71 1.49
CA ALA B 197 -14.55 -5.33 1.96
C ALA B 197 -13.90 -4.36 0.97
N ARG B 198 -12.73 -4.71 0.47
CA ARG B 198 -12.02 -3.84 -0.45
C ARG B 198 -12.83 -3.61 -1.73
N PHE B 199 -13.33 -4.69 -2.33
CA PHE B 199 -14.02 -4.64 -3.62
C PHE B 199 -15.34 -3.87 -3.64
N ILE B 200 -16.18 -4.05 -2.63
CA ILE B 200 -17.41 -3.27 -2.50
C ILE B 200 -17.10 -1.80 -2.17
N THR B 201 -16.11 -1.57 -1.31
CA THR B 201 -15.69 -0.21 -0.96
C THR B 201 -15.32 0.61 -2.20
N ASP B 202 -14.41 0.10 -3.02
CA ASP B 202 -14.02 0.75 -4.28
C ASP B 202 -15.22 0.95 -5.22
N PHE B 203 -16.04 -0.10 -5.37
CA PHE B 203 -17.25 -0.07 -6.19
C PHE B 203 -18.16 1.13 -5.84
N LEU B 204 -18.48 1.28 -4.56
CA LEU B 204 -19.33 2.38 -4.07
C LEU B 204 -18.67 3.75 -4.22
N ASP B 205 -17.36 3.81 -3.93
CA ASP B 205 -16.58 5.05 -4.04
C ASP B 205 -16.50 5.54 -5.47
N ASN B 206 -16.60 4.61 -6.42
CA ASN B 206 -16.56 4.95 -7.85
C ASN B 206 -17.96 5.28 -8.38
N GLY B 207 -18.90 5.49 -7.46
CA GLY B 207 -20.26 5.88 -7.80
C GLY B 207 -21.09 4.83 -8.52
N TYR B 208 -20.76 3.56 -8.32
CA TYR B 208 -21.48 2.48 -8.98
C TYR B 208 -22.72 2.02 -8.20
N GLY B 209 -22.83 2.50 -6.96
CA GLY B 209 -24.00 2.27 -6.12
C GLY B 209 -24.79 3.54 -5.89
N HIS B 210 -24.87 4.38 -6.92
CA HIS B 210 -25.58 5.67 -6.84
C HIS B 210 -27.08 5.51 -6.63
N CYS B 211 -27.61 4.35 -6.97
CA CYS B 211 -29.04 4.08 -6.86
C CYS B 211 -29.45 3.56 -5.49
N LEU B 212 -28.52 3.59 -4.53
CA LEU B 212 -28.75 3.01 -3.20
C LEU B 212 -28.80 4.05 -2.10
N LEU B 213 -28.90 5.32 -2.50
CA LEU B 213 -28.91 6.41 -1.54
C LEU B 213 -30.28 6.68 -0.96
N ASP B 214 -31.31 6.48 -1.77
CA ASP B 214 -32.70 6.76 -1.37
C ASP B 214 -33.28 5.67 -0.48
N LYS B 215 -34.01 6.10 0.55
CA LYS B 215 -34.65 5.20 1.49
C LYS B 215 -35.91 4.56 0.89
N PRO B 216 -36.23 3.32 1.30
CA PRO B 216 -37.48 2.70 0.83
C PRO B 216 -38.76 3.36 1.37
N GLU B 217 -39.76 3.51 0.50
CA GLU B 217 -41.05 4.10 0.85
C GLU B 217 -41.74 3.31 1.98
N ALA B 218 -41.96 2.02 1.75
CA ALA B 218 -42.59 1.15 2.74
C ALA B 218 -42.09 -0.29 2.55
N PRO B 219 -41.08 -0.69 3.35
CA PRO B 219 -40.48 -2.01 3.20
C PRO B 219 -41.33 -3.11 3.83
N LEU B 220 -41.27 -4.31 3.26
CA LEU B 220 -41.87 -5.49 3.89
C LEU B 220 -41.15 -5.75 5.22
N HIS B 221 -41.84 -6.36 6.16
CA HIS B 221 -41.29 -6.54 7.50
C HIS B 221 -40.59 -7.89 7.66
N LEU B 222 -39.28 -7.83 7.89
CA LEU B 222 -38.47 -9.01 8.15
C LEU B 222 -38.50 -9.31 9.65
N PRO B 223 -38.54 -10.60 10.02
CA PRO B 223 -38.56 -10.92 11.44
C PRO B 223 -37.25 -10.55 12.14
N VAL B 224 -37.29 -10.41 13.46
CA VAL B 224 -36.11 -10.07 14.23
C VAL B 224 -35.67 -11.25 15.07
N THR B 225 -36.50 -12.28 15.09
CA THR B 225 -36.23 -13.53 15.79
C THR B 225 -35.06 -14.30 15.13
N PHE B 226 -34.58 -15.33 15.82
CA PHE B 226 -33.56 -16.22 15.27
C PHE B 226 -34.23 -17.25 14.37
N PRO B 227 -33.56 -17.65 13.28
CA PRO B 227 -34.12 -18.66 12.39
C PRO B 227 -34.30 -20.00 13.11
N GLY B 228 -33.36 -20.33 14.01
CA GLY B 228 -33.42 -21.54 14.84
C GLY B 228 -34.59 -21.56 15.80
N LYS B 229 -35.20 -20.40 16.04
CA LYS B 229 -36.46 -20.31 16.80
C LYS B 229 -37.68 -20.30 15.88
N ASP B 230 -37.54 -19.68 14.71
CA ASP B 230 -38.57 -19.74 13.67
C ASP B 230 -38.86 -21.20 13.27
N TYR B 231 -37.76 -21.96 13.08
CA TYR B 231 -37.83 -23.38 12.71
C TYR B 231 -36.88 -24.18 13.60
N ASP B 232 -37.38 -25.24 14.21
CA ASP B 232 -36.54 -26.09 15.06
C ASP B 232 -35.68 -27.07 14.23
N ALA B 233 -34.86 -27.86 14.93
CA ALA B 233 -34.04 -28.87 14.26
C ALA B 233 -34.87 -29.70 13.28
N ASP B 234 -36.00 -30.24 13.75
CA ASP B 234 -36.90 -31.05 12.91
C ASP B 234 -37.35 -30.31 11.64
N ARG B 235 -37.88 -29.10 11.81
CA ARG B 235 -38.31 -28.28 10.67
C ARG B 235 -37.15 -28.03 9.72
N GLN B 236 -35.98 -27.70 10.27
CA GLN B 236 -34.79 -27.46 9.47
C GLN B 236 -34.40 -28.65 8.60
N CYS B 237 -34.64 -29.86 9.11
CA CYS B 237 -34.38 -31.08 8.36
C CYS B 237 -35.40 -31.29 7.25
N GLN B 238 -36.66 -30.98 7.56
CA GLN B 238 -37.73 -31.00 6.57
C GLN B 238 -37.43 -30.04 5.40
N LEU B 239 -36.87 -28.87 5.72
CA LEU B 239 -36.59 -27.85 4.71
C LEU B 239 -35.47 -28.19 3.74
N THR B 240 -34.58 -29.08 4.17
CA THR B 240 -33.52 -29.59 3.30
C THR B 240 -33.96 -30.91 2.63
N PHE B 241 -34.31 -31.91 3.43
CA PHE B 241 -34.50 -33.28 2.92
C PHE B 241 -35.94 -33.76 2.66
N GLY B 242 -36.92 -32.89 2.89
CA GLY B 242 -38.32 -33.25 2.66
C GLY B 242 -39.13 -33.45 3.93
N PRO B 243 -40.47 -33.60 3.79
CA PRO B 243 -41.34 -33.56 4.96
C PRO B 243 -41.20 -34.78 5.88
N ASP B 244 -40.75 -35.90 5.33
CA ASP B 244 -40.58 -37.13 6.12
C ASP B 244 -39.27 -37.17 6.92
N SER B 245 -38.50 -36.10 6.85
CA SER B 245 -37.19 -36.06 7.49
C SER B 245 -37.27 -35.44 8.87
N ARG B 246 -36.60 -36.06 9.83
CA ARG B 246 -36.53 -35.57 11.21
C ARG B 246 -35.07 -35.44 11.63
N HIS B 247 -34.85 -34.81 12.78
CA HIS B 247 -33.49 -34.54 13.27
C HIS B 247 -32.84 -35.78 13.89
N CYS B 248 -31.62 -36.10 13.45
CA CYS B 248 -30.77 -37.13 14.07
C CYS B 248 -29.99 -36.52 15.26
N PRO B 249 -30.01 -37.20 16.43
CA PRO B 249 -29.28 -36.79 17.65
C PRO B 249 -27.86 -36.25 17.42
N PRO B 254 -22.64 -30.85 18.83
CA PRO B 254 -23.90 -30.13 18.65
C PRO B 254 -23.68 -28.78 17.97
N CYS B 255 -24.66 -28.37 17.15
CA CYS B 255 -24.64 -27.10 16.43
C CYS B 255 -23.81 -27.09 15.15
N ALA B 256 -22.73 -27.87 15.15
CA ALA B 256 -21.73 -27.88 14.08
C ALA B 256 -22.28 -28.30 12.72
N ALA B 257 -23.08 -29.38 12.70
CA ALA B 257 -23.65 -29.91 11.47
C ALA B 257 -25.02 -30.53 11.73
N LEU B 258 -26.00 -30.15 10.93
CA LEU B 258 -27.35 -30.70 11.07
C LEU B 258 -27.41 -32.09 10.45
N TRP B 259 -27.74 -33.09 11.27
CA TRP B 259 -27.93 -34.45 10.79
C TRP B 259 -29.40 -34.84 10.78
N CYS B 260 -29.86 -35.37 9.65
CA CYS B 260 -31.27 -35.63 9.39
C CYS B 260 -31.51 -37.06 8.95
N SER B 261 -32.73 -37.56 9.19
CA SER B 261 -33.08 -38.95 8.88
C SER B 261 -33.51 -39.15 7.42
N GLY B 262 -33.59 -40.42 7.02
CA GLY B 262 -34.01 -40.82 5.67
C GLY B 262 -34.14 -42.32 5.60
N HIS B 263 -34.63 -42.85 4.48
CA HIS B 263 -34.99 -44.27 4.40
C HIS B 263 -34.37 -45.08 3.26
N ALA B 268 -34.01 -47.18 7.61
CA ALA B 268 -33.81 -45.85 8.18
C ALA B 268 -32.33 -45.52 8.39
N MET B 269 -31.97 -44.26 8.12
CA MET B 269 -30.58 -43.82 8.15
C MET B 269 -30.45 -42.32 8.50
N CYS B 270 -29.23 -41.88 8.83
CA CYS B 270 -28.92 -40.46 9.04
C CYS B 270 -28.11 -39.89 7.89
N GLN B 271 -28.13 -38.56 7.73
CA GLN B 271 -27.84 -37.94 6.46
C GLN B 271 -27.59 -36.44 6.65
N THR B 272 -26.52 -35.93 6.04
CA THR B 272 -26.20 -34.51 6.18
C THR B 272 -25.67 -33.84 4.92
N LYS B 273 -25.81 -32.52 4.89
CA LYS B 273 -25.28 -31.66 3.86
C LYS B 273 -24.20 -30.77 4.50
N HIS B 274 -23.86 -31.09 5.75
CA HIS B 274 -22.79 -30.41 6.51
C HIS B 274 -23.04 -28.95 6.92
N SER B 275 -24.19 -28.39 6.56
CA SER B 275 -24.57 -27.03 6.97
C SER B 275 -24.90 -26.99 8.47
N PRO B 276 -24.56 -25.87 9.14
CA PRO B 276 -24.72 -25.84 10.60
C PRO B 276 -26.17 -25.59 11.00
N TRP B 277 -26.53 -25.92 12.23
CA TRP B 277 -27.85 -25.61 12.78
C TRP B 277 -28.09 -24.11 12.64
N ALA B 278 -29.31 -23.72 12.29
CA ALA B 278 -29.65 -22.29 12.27
C ALA B 278 -29.35 -21.64 13.62
N ASP B 279 -28.85 -20.42 13.57
CA ASP B 279 -28.59 -19.66 14.78
C ASP B 279 -29.84 -19.59 15.67
N GLY B 280 -29.66 -19.84 16.96
CA GLY B 280 -30.76 -19.75 17.92
C GLY B 280 -31.48 -21.05 18.17
N THR B 281 -31.07 -22.11 17.47
CA THR B 281 -31.61 -23.45 17.72
C THR B 281 -31.14 -23.91 19.09
N PRO B 282 -32.08 -24.31 19.97
CA PRO B 282 -31.70 -24.79 21.29
C PRO B 282 -30.76 -26.00 21.19
N CYS B 283 -29.69 -25.99 21.99
CA CYS B 283 -28.69 -27.05 22.02
C CYS B 283 -28.31 -27.47 23.44
N GLY B 284 -29.00 -26.90 24.42
CA GLY B 284 -28.82 -27.25 25.82
C GLY B 284 -29.91 -26.65 26.69
N PRO B 285 -29.81 -26.80 28.01
CA PRO B 285 -30.80 -26.21 28.92
C PRO B 285 -30.90 -24.68 28.77
N ALA B 286 -29.78 -23.99 28.97
CA ALA B 286 -29.73 -22.53 28.83
C ALA B 286 -28.87 -22.12 27.64
N GLN B 287 -28.80 -23.01 26.64
CA GLN B 287 -27.90 -22.85 25.50
C GLN B 287 -28.65 -22.81 24.18
N ALA B 288 -28.04 -22.15 23.18
CA ALA B 288 -28.55 -22.10 21.80
C ALA B 288 -27.39 -21.97 20.83
N CYS B 289 -27.61 -22.34 19.55
CA CYS B 289 -26.53 -22.32 18.56
C CYS B 289 -26.27 -20.92 18.04
N MET B 290 -25.01 -20.55 17.99
CA MET B 290 -24.57 -19.35 17.29
C MET B 290 -23.28 -19.66 16.54
N GLY B 291 -23.34 -19.58 15.21
CA GLY B 291 -22.18 -19.81 14.34
C GLY B 291 -21.55 -21.19 14.44
N GLY B 292 -22.38 -22.22 14.51
CA GLY B 292 -21.91 -23.60 14.58
C GLY B 292 -21.37 -24.05 15.94
N ARG B 293 -21.56 -23.22 16.97
CA ARG B 293 -21.14 -23.57 18.34
C ARG B 293 -22.29 -23.36 19.33
N CYS B 294 -22.36 -24.26 20.32
CA CYS B 294 -23.36 -24.16 21.38
C CYS B 294 -22.88 -23.19 22.46
N LEU B 295 -23.51 -22.02 22.53
CA LEU B 295 -23.11 -20.96 23.47
C LEU B 295 -24.18 -20.70 24.51
N HIS B 296 -23.86 -19.88 25.51
CA HIS B 296 -24.83 -19.50 26.54
C HIS B 296 -25.73 -18.35 26.10
N SER C 3 4.15 39.85 -23.07
CA SER C 3 3.53 39.70 -21.71
C SER C 3 4.29 38.63 -20.89
N LEU C 4 5.12 39.07 -19.94
CA LEU C 4 6.03 38.20 -19.18
C LEU C 4 5.29 37.24 -18.25
N SER C 5 5.53 35.93 -18.43
CA SER C 5 4.87 34.93 -17.60
C SER C 5 5.32 35.05 -16.15
N ARG C 6 4.35 35.08 -15.23
CA ARG C 6 4.61 35.45 -13.86
C ARG C 6 4.17 34.39 -12.84
N PHE C 7 4.96 34.23 -11.78
CA PHE C 7 4.78 33.17 -10.81
C PHE C 7 4.55 33.73 -9.42
N VAL C 8 3.48 33.28 -8.76
CA VAL C 8 3.11 33.78 -7.45
C VAL C 8 3.39 32.72 -6.38
N GLU C 9 4.57 32.81 -5.79
CA GLU C 9 4.98 31.88 -4.72
C GLU C 9 4.18 32.17 -3.46
N THR C 10 3.38 31.19 -3.05
CA THR C 10 2.32 31.38 -2.08
C THR C 10 2.55 30.58 -0.80
N LEU C 11 2.45 31.25 0.34
CA LEU C 11 2.37 30.55 1.62
C LEU C 11 0.90 30.36 1.91
N VAL C 12 0.52 29.12 2.25
CA VAL C 12 -0.86 28.79 2.60
C VAL C 12 -0.90 28.37 4.05
N VAL C 13 -1.68 29.09 4.86
CA VAL C 13 -1.75 28.82 6.29
C VAL C 13 -3.14 28.35 6.74
N ALA C 14 -3.20 27.19 7.38
CA ALA C 14 -4.44 26.73 8.01
C ALA C 14 -4.30 26.90 9.52
N ASP C 15 -5.40 27.29 10.16
CA ASP C 15 -5.36 27.69 11.57
C ASP C 15 -5.89 26.65 12.54
N ASP C 16 -5.73 26.96 13.83
CA ASP C 16 -6.38 26.28 14.94
C ASP C 16 -7.68 25.55 14.55
N LYS C 17 -8.59 26.28 13.91
CA LYS C 17 -9.95 25.82 13.67
C LYS C 17 -10.09 24.96 12.40
N MET C 18 -9.30 25.25 11.37
CA MET C 18 -9.24 24.42 10.17
C MET C 18 -8.82 22.97 10.48
N ALA C 19 -7.75 22.83 11.26
CA ALA C 19 -7.27 21.55 11.74
C ALA C 19 -8.37 20.73 12.44
N ALA C 20 -9.11 21.39 13.33
CA ALA C 20 -10.17 20.72 14.10
C ALA C 20 -11.33 20.24 13.23
N PHE C 21 -11.68 21.00 12.20
CA PHE C 21 -12.76 20.60 11.31
C PHE C 21 -12.31 19.50 10.35
N HIS C 22 -11.22 19.73 9.63
CA HIS C 22 -10.81 18.84 8.55
C HIS C 22 -10.11 17.56 8.97
N GLY C 23 -9.28 17.64 10.01
CA GLY C 23 -8.49 16.49 10.45
C GLY C 23 -7.34 16.20 9.49
N ALA C 24 -6.99 14.92 9.34
CA ALA C 24 -5.89 14.52 8.46
C ALA C 24 -6.10 14.95 7.00
N GLY C 25 -7.36 15.01 6.57
CA GLY C 25 -7.68 15.39 5.20
C GLY C 25 -7.49 16.86 4.87
N LEU C 26 -6.77 17.59 5.73
CA LEU C 26 -6.59 19.04 5.58
C LEU C 26 -5.63 19.45 4.45
N LYS C 27 -4.41 18.92 4.47
CA LYS C 27 -3.44 19.20 3.40
C LYS C 27 -4.07 18.97 2.02
N ARG C 28 -4.68 17.80 1.84
CA ARG C 28 -5.32 17.44 0.58
C ARG C 28 -6.40 18.48 0.23
N TYR C 29 -7.18 18.86 1.24
CA TYR C 29 -8.24 19.83 1.05
C TYR C 29 -7.69 21.15 0.53
N LEU C 30 -6.67 21.67 1.24
CA LEU C 30 -6.08 22.96 0.93
C LEU C 30 -5.49 23.03 -0.47
N LEU C 31 -4.84 21.94 -0.89
CA LEU C 31 -4.26 21.86 -2.23
C LEU C 31 -5.31 21.77 -3.33
N THR C 32 -6.44 21.10 -3.04
CA THR C 32 -7.61 21.04 -3.93
C THR C 32 -8.13 22.45 -4.20
N VAL C 33 -8.41 23.17 -3.11
CA VAL C 33 -8.94 24.53 -3.15
C VAL C 33 -8.00 25.43 -3.97
N MET C 34 -6.70 25.37 -3.67
CA MET C 34 -5.72 26.20 -4.38
C MET C 34 -5.59 25.89 -5.87
N ALA C 35 -5.88 24.64 -6.24
CA ALA C 35 -5.82 24.23 -7.65
C ALA C 35 -6.92 24.94 -8.44
N ALA C 36 -8.10 25.08 -7.82
CA ALA C 36 -9.24 25.78 -8.42
C ALA C 36 -8.96 27.27 -8.59
N ALA C 37 -8.48 27.90 -7.52
CA ALA C 37 -8.08 29.30 -7.55
C ALA C 37 -6.99 29.53 -8.62
N ALA C 38 -6.07 28.58 -8.75
CA ALA C 38 -5.01 28.66 -9.77
C ALA C 38 -5.61 28.60 -11.17
N LYS C 39 -6.60 27.71 -11.34
CA LYS C 39 -7.25 27.54 -12.62
C LYS C 39 -7.83 28.88 -13.10
N ALA C 40 -8.49 29.60 -12.19
CA ALA C 40 -9.02 30.94 -12.42
C ALA C 40 -8.01 31.91 -13.04
N PHE C 41 -6.83 32.01 -12.45
CA PHE C 41 -5.83 32.97 -12.91
C PHE C 41 -5.20 32.55 -14.24
N LYS C 42 -5.50 31.34 -14.69
CA LYS C 42 -4.97 30.87 -15.97
C LYS C 42 -5.82 31.30 -17.16
N HIS C 43 -7.09 31.61 -16.90
CA HIS C 43 -8.02 32.02 -17.96
C HIS C 43 -7.54 33.27 -18.71
N PRO C 44 -7.65 33.26 -20.05
CA PRO C 44 -7.17 34.44 -20.80
C PRO C 44 -7.99 35.72 -20.58
N SER C 45 -9.07 35.62 -19.81
CA SER C 45 -9.86 36.78 -19.39
C SER C 45 -8.97 37.84 -18.76
N ILE C 46 -8.03 37.36 -17.94
CA ILE C 46 -7.17 38.20 -17.11
C ILE C 46 -6.08 38.87 -17.95
N ARG C 47 -5.89 38.35 -19.17
CA ARG C 47 -4.96 38.90 -20.16
C ARG C 47 -3.50 38.93 -19.72
N ASN C 48 -3.20 38.23 -18.63
CA ASN C 48 -1.83 38.09 -18.12
C ASN C 48 -1.52 36.68 -17.65
N PRO C 49 -0.31 36.18 -17.97
CA PRO C 49 0.01 34.79 -17.61
C PRO C 49 0.49 34.70 -16.17
N VAL C 50 -0.39 34.21 -15.29
CA VAL C 50 -0.14 34.22 -13.85
C VAL C 50 -0.31 32.84 -13.22
N SER C 51 0.78 32.32 -12.64
CA SER C 51 0.77 31.00 -12.02
C SER C 51 0.77 31.10 -10.50
N LEU C 52 -0.32 30.65 -9.89
CA LEU C 52 -0.42 30.47 -8.45
C LEU C 52 0.28 29.18 -8.10
N VAL C 53 1.29 29.30 -7.25
CA VAL C 53 2.10 28.16 -6.86
C VAL C 53 2.16 28.15 -5.34
N VAL C 54 1.90 26.99 -4.73
CA VAL C 54 2.01 26.85 -3.29
C VAL C 54 3.38 26.30 -3.04
N THR C 55 4.23 27.10 -2.43
CA THR C 55 5.58 26.68 -2.11
C THR C 55 5.66 26.24 -0.64
N ARG C 56 4.78 26.80 0.20
CA ARG C 56 4.78 26.49 1.62
C ARG C 56 3.38 26.37 2.22
N LEU C 57 3.19 25.38 3.06
CA LEU C 57 1.90 25.07 3.65
C LEU C 57 2.10 24.83 5.15
N VAL C 58 1.50 25.69 5.98
CA VAL C 58 1.68 25.59 7.43
C VAL C 58 0.33 25.33 8.12
N ILE C 59 0.28 24.28 8.93
CA ILE C 59 -0.91 24.00 9.74
C ILE C 59 -0.63 24.34 11.22
N LEU C 60 -1.36 25.33 11.74
CA LEU C 60 -1.17 25.79 13.12
C LEU C 60 -1.88 24.85 14.10
N GLU C 65 0.68 27.90 18.38
CA GLU C 65 0.69 29.35 18.52
C GLU C 65 0.84 30.09 17.18
N GLY C 66 0.00 31.09 16.95
CA GLY C 66 0.01 31.88 15.70
C GLY C 66 -0.65 33.25 15.82
N PRO C 67 -1.31 33.70 14.72
CA PRO C 67 -1.94 35.02 14.65
C PRO C 67 -3.28 35.06 15.36
N GLN C 68 -3.64 36.23 15.89
CA GLN C 68 -4.93 36.40 16.58
C GLN C 68 -6.11 36.30 15.61
N VAL C 69 -6.91 35.25 15.76
CA VAL C 69 -8.05 35.02 14.90
C VAL C 69 -9.34 35.21 15.70
N GLY C 70 -10.23 36.05 15.18
CA GLY C 70 -11.52 36.31 15.82
C GLY C 70 -12.56 36.71 14.79
N PRO C 71 -13.74 37.19 15.25
CA PRO C 71 -14.81 37.59 14.35
C PRO C 71 -14.41 38.75 13.43
N SER C 72 -13.72 39.75 13.99
CA SER C 72 -13.32 40.92 13.22
C SER C 72 -12.33 40.56 12.11
N ALA C 73 -12.79 40.66 10.86
CA ALA C 73 -11.94 40.40 9.71
C ALA C 73 -10.78 41.41 9.67
N ALA C 74 -11.09 42.68 9.86
CA ALA C 74 -10.10 43.74 9.86
C ALA C 74 -8.96 43.46 10.84
N GLN C 75 -9.32 43.03 12.06
CA GLN C 75 -8.35 42.71 13.10
C GLN C 75 -7.56 41.43 12.78
N THR C 76 -8.25 40.40 12.27
CA THR C 76 -7.60 39.13 11.95
C THR C 76 -6.58 39.29 10.81
N LEU C 77 -6.93 40.07 9.80
CA LEU C 77 -6.02 40.31 8.69
C LEU C 77 -4.75 41.03 9.13
N ARG C 78 -4.89 41.98 10.04
CA ARG C 78 -3.75 42.76 10.53
C ARG C 78 -2.80 41.89 11.33
N SER C 79 -3.39 41.02 12.15
CA SER C 79 -2.62 40.12 12.99
C SER C 79 -1.81 39.13 12.14
N PHE C 80 -2.45 38.61 11.09
CA PHE C 80 -1.86 37.62 10.20
C PHE C 80 -0.84 38.25 9.27
N CYS C 81 -1.03 39.53 8.93
CA CYS C 81 -0.06 40.27 8.13
C CYS C 81 1.25 40.44 8.86
N ALA C 82 1.17 40.79 10.15
CA ALA C 82 2.36 40.89 10.98
C ALA C 82 3.00 39.51 11.21
N TRP C 83 2.18 38.51 11.52
CA TRP C 83 2.67 37.18 11.88
C TRP C 83 3.42 36.47 10.74
N GLN C 84 2.90 36.58 9.53
CA GLN C 84 3.48 35.97 8.34
C GLN C 84 4.90 36.45 8.04
N ARG C 85 5.13 37.76 8.17
CA ARG C 85 6.41 38.37 7.82
C ARG C 85 7.56 37.62 8.44
N GLY C 86 7.32 37.09 9.63
CA GLY C 86 8.28 36.29 10.36
C GLY C 86 8.65 34.99 9.69
N LEU C 87 7.67 34.34 9.05
CA LEU C 87 7.94 33.09 8.34
C LEU C 87 8.66 33.30 7.02
N ASN C 88 8.80 34.56 6.60
CA ASN C 88 9.41 34.88 5.32
C ASN C 88 10.94 34.83 5.38
N THR C 89 11.60 35.20 4.28
CA THR C 89 13.05 35.25 4.21
C THR C 89 13.44 36.50 3.45
N PRO C 90 14.61 37.10 3.77
CA PRO C 90 15.01 38.35 3.12
C PRO C 90 15.23 38.26 1.59
N GLU C 91 15.80 37.15 1.12
CA GLU C 91 16.05 36.98 -0.31
C GLU C 91 15.01 36.10 -0.98
N ASP C 92 14.54 36.56 -2.14
CA ASP C 92 13.57 35.82 -2.96
C ASP C 92 14.26 34.63 -3.64
N SER C 93 15.24 34.06 -2.95
CA SER C 93 16.13 33.05 -3.52
C SER C 93 16.03 31.70 -2.80
N ASP C 94 15.78 31.75 -1.49
CA ASP C 94 15.45 30.54 -0.75
C ASP C 94 14.23 29.88 -1.37
N PRO C 95 14.24 28.54 -1.50
CA PRO C 95 12.99 27.85 -1.86
C PRO C 95 11.89 28.10 -0.82
N ASP C 96 12.27 28.62 0.35
CA ASP C 96 11.32 28.92 1.42
C ASP C 96 10.62 30.28 1.33
N HIS C 97 11.27 31.28 0.70
CA HIS C 97 10.66 32.60 0.48
C HIS C 97 9.34 32.51 -0.26
N PHE C 98 8.43 33.45 0.04
CA PHE C 98 7.13 33.51 -0.62
C PHE C 98 6.71 34.95 -0.96
N ASP C 99 5.99 35.10 -2.07
CA ASP C 99 5.52 36.40 -2.55
C ASP C 99 4.16 36.83 -2.01
N THR C 100 3.39 35.89 -1.45
CA THR C 100 2.08 36.21 -0.91
C THR C 100 1.64 35.20 0.15
N ALA C 101 0.75 35.61 1.05
CA ALA C 101 0.26 34.73 2.11
C ALA C 101 -1.28 34.68 2.23
N ILE C 102 -1.82 33.47 2.28
CA ILE C 102 -3.25 33.26 2.45
C ILE C 102 -3.56 32.41 3.69
N LEU C 103 -4.41 32.95 4.57
CA LEU C 103 -4.87 32.24 5.75
C LEU C 103 -6.30 31.75 5.56
N PHE C 104 -6.49 30.45 5.71
CA PHE C 104 -7.84 29.88 5.71
C PHE C 104 -8.24 29.59 7.14
N THR C 105 -9.42 30.06 7.52
CA THR C 105 -9.96 29.77 8.85
C THR C 105 -11.42 29.36 8.74
N ARG C 106 -11.91 28.61 9.73
CA ARG C 106 -13.34 28.27 9.82
C ARG C 106 -14.08 29.33 10.66
N GLN C 107 -13.31 30.22 11.27
CA GLN C 107 -13.85 31.36 12.01
C GLN C 107 -14.81 32.16 11.14
N ASP C 108 -16.04 32.31 11.62
CA ASP C 108 -17.01 33.17 10.94
C ASP C 108 -16.52 34.61 11.00
N LEU C 109 -15.94 35.07 9.90
CA LEU C 109 -15.39 36.42 9.80
C LEU C 109 -16.48 37.44 9.58
N CYS C 110 -16.31 38.62 10.17
CA CYS C 110 -17.31 39.69 10.11
C CYS C 110 -16.72 41.02 9.70
N GLY C 111 -17.54 41.79 8.98
CA GLY C 111 -17.17 43.14 8.58
C GLY C 111 -17.61 44.14 9.64
N VAL C 112 -17.70 45.41 9.23
CA VAL C 112 -18.15 46.48 10.14
C VAL C 112 -19.53 46.19 10.74
N SER C 113 -20.49 45.81 9.88
CA SER C 113 -21.89 45.75 10.27
C SER C 113 -22.53 44.36 10.24
N THR C 114 -22.09 43.51 9.31
CA THR C 114 -22.67 42.16 9.15
C THR C 114 -21.61 41.05 9.11
N CYS C 115 -22.08 39.81 9.23
CA CYS C 115 -21.20 38.64 9.20
C CYS C 115 -21.19 37.93 7.86
N ASP C 116 -21.83 38.52 6.87
CA ASP C 116 -21.84 37.96 5.51
C ASP C 116 -20.43 37.90 4.88
N THR C 117 -19.57 38.86 5.27
CA THR C 117 -18.16 38.89 4.91
C THR C 117 -17.52 37.50 4.84
N LEU C 118 -16.83 37.24 3.73
CA LEU C 118 -16.20 35.95 3.45
C LEU C 118 -14.67 35.98 3.38
N GLY C 119 -14.09 37.18 3.30
CA GLY C 119 -12.64 37.33 3.21
C GLY C 119 -12.23 38.79 3.21
N MET C 120 -10.94 39.06 3.37
CA MET C 120 -10.43 40.42 3.33
C MET C 120 -8.96 40.46 2.88
N ALA C 121 -8.56 41.58 2.29
CA ALA C 121 -7.21 41.77 1.75
C ALA C 121 -7.03 43.22 1.34
N ASP C 122 -5.84 43.79 1.60
CA ASP C 122 -5.52 45.12 1.09
C ASP C 122 -5.34 45.11 -0.43
N VAL C 123 -5.47 46.27 -1.05
CA VAL C 123 -5.41 46.37 -2.50
C VAL C 123 -4.04 46.82 -2.99
N GLY C 124 -3.50 46.09 -3.97
CA GLY C 124 -2.27 46.44 -4.68
C GLY C 124 -1.02 46.27 -3.84
N THR C 125 -0.76 45.04 -3.39
CA THR C 125 0.29 44.79 -2.41
C THR C 125 1.18 43.58 -2.73
N VAL C 126 1.00 42.98 -3.91
CA VAL C 126 1.58 41.66 -4.22
C VAL C 126 3.06 41.47 -3.91
N CYS C 127 3.88 42.50 -4.12
CA CYS C 127 5.32 42.36 -3.92
C CYS C 127 5.86 43.12 -2.71
N ASP C 128 4.95 43.49 -1.81
CA ASP C 128 5.28 44.14 -0.55
C ASP C 128 5.15 43.08 0.56
N PRO C 129 6.28 42.46 0.94
CA PRO C 129 6.29 41.31 1.85
C PRO C 129 5.68 41.56 3.23
N ALA C 130 5.32 42.82 3.48
CA ALA C 130 4.75 43.24 4.76
C ALA C 130 3.25 43.53 4.66
N ARG C 131 2.77 43.63 3.42
CA ARG C 131 1.37 43.97 3.14
C ARG C 131 0.65 42.93 2.27
N SER C 132 1.41 41.98 1.74
CA SER C 132 0.89 41.03 0.76
C SER C 132 0.14 39.85 1.39
N CYS C 133 -0.93 40.14 2.14
CA CYS C 133 -1.71 39.08 2.78
C CYS C 133 -3.16 39.05 2.32
N ALA C 134 -3.83 37.95 2.65
CA ALA C 134 -5.27 37.78 2.46
C ALA C 134 -5.80 36.75 3.46
N ILE C 135 -6.99 36.97 3.99
CA ILE C 135 -7.67 35.95 4.79
C ILE C 135 -8.93 35.50 4.07
N VAL C 136 -9.24 34.20 4.19
CA VAL C 136 -10.42 33.60 3.59
C VAL C 136 -11.17 32.78 4.63
N GLU C 137 -12.49 32.97 4.71
CA GLU C 137 -13.33 32.10 5.54
C GLU C 137 -13.71 30.84 4.78
N ASP C 138 -13.45 29.67 5.37
CA ASP C 138 -13.68 28.41 4.69
C ASP C 138 -15.10 27.86 4.88
N ASP C 139 -15.92 28.02 3.84
CA ASP C 139 -17.31 27.57 3.88
C ASP C 139 -17.57 26.44 2.89
N GLY C 140 -16.51 25.75 2.48
CA GLY C 140 -16.60 24.66 1.52
C GLY C 140 -15.64 24.87 0.36
N LEU C 141 -15.79 24.05 -0.68
CA LEU C 141 -14.93 24.15 -1.85
C LEU C 141 -15.07 25.49 -2.56
N GLN C 142 -16.16 26.20 -2.32
CA GLN C 142 -16.37 27.49 -2.97
C GLN C 142 -15.39 28.55 -2.46
N SER C 143 -14.65 28.23 -1.40
CA SER C 143 -13.72 29.17 -0.80
C SER C 143 -12.50 29.46 -1.70
N ALA C 144 -12.33 28.61 -2.72
CA ALA C 144 -11.32 28.81 -3.75
C ALA C 144 -11.67 30.04 -4.55
N PHE C 145 -12.97 30.27 -4.71
CA PHE C 145 -13.43 31.41 -5.47
C PHE C 145 -13.25 32.68 -4.63
N THR C 146 -13.58 32.59 -3.35
CA THR C 146 -13.29 33.64 -2.38
C THR C 146 -11.78 33.95 -2.38
N ALA C 147 -10.96 32.90 -2.38
CA ALA C 147 -9.51 33.04 -2.52
C ALA C 147 -9.11 33.78 -3.78
N ALA C 148 -9.69 33.40 -4.91
CA ALA C 148 -9.35 34.03 -6.20
C ALA C 148 -9.74 35.51 -6.20
N HIS C 149 -10.89 35.81 -5.58
CA HIS C 149 -11.32 37.19 -5.38
C HIS C 149 -10.22 37.98 -4.65
N GLN C 150 -9.89 37.53 -3.44
CA GLN C 150 -8.94 38.24 -2.60
C GLN C 150 -7.59 38.47 -3.29
N LEU C 151 -7.11 37.47 -4.03
CA LEU C 151 -5.88 37.65 -4.80
C LEU C 151 -6.01 38.71 -5.88
N GLY C 152 -7.19 38.82 -6.47
CA GLY C 152 -7.49 39.91 -7.40
C GLY C 152 -7.25 41.26 -6.73
N HIS C 153 -7.81 41.42 -5.54
CA HIS C 153 -7.57 42.60 -4.73
C HIS C 153 -6.06 42.81 -4.52
N VAL C 154 -5.35 41.72 -4.21
CA VAL C 154 -3.89 41.77 -4.03
C VAL C 154 -3.18 42.30 -5.29
N PHE C 155 -3.67 41.91 -6.46
CA PHE C 155 -3.17 42.41 -7.75
C PHE C 155 -3.75 43.78 -8.13
N ASN C 156 -4.29 44.49 -7.14
CA ASN C 156 -4.83 45.84 -7.31
C ASN C 156 -6.16 45.98 -8.07
N MET C 157 -6.99 44.93 -8.06
CA MET C 157 -8.31 45.02 -8.68
C MET C 157 -9.33 45.62 -7.72
N LEU C 158 -10.32 46.32 -8.28
CA LEU C 158 -11.45 46.85 -7.50
C LEU C 158 -12.73 46.11 -7.88
N HIS C 159 -13.82 46.38 -7.17
CA HIS C 159 -15.11 45.75 -7.47
C HIS C 159 -15.71 46.29 -8.78
N ASP C 160 -16.49 45.45 -9.47
CA ASP C 160 -17.01 45.79 -10.80
C ASP C 160 -18.09 46.88 -10.79
N ASN C 161 -18.71 47.10 -9.63
CA ASN C 161 -19.74 48.11 -9.45
C ASN C 161 -19.19 49.44 -8.94
N SER C 162 -17.89 49.65 -9.10
CA SER C 162 -17.23 50.88 -8.67
C SER C 162 -17.07 51.86 -9.83
N LYS C 163 -16.80 53.12 -9.50
CA LYS C 163 -16.71 54.21 -10.49
C LYS C 163 -15.71 53.97 -11.64
N PRO C 164 -14.44 53.63 -11.32
CA PRO C 164 -13.49 53.42 -12.42
C PRO C 164 -13.79 52.17 -13.24
N CYS C 165 -14.51 51.22 -12.64
CA CYS C 165 -14.95 50.01 -13.34
C CYS C 165 -16.13 50.24 -14.29
N ILE C 166 -17.06 51.13 -13.91
CA ILE C 166 -18.22 51.48 -14.74
C ILE C 166 -17.80 51.82 -16.17
N SER C 167 -16.78 52.66 -16.30
CA SER C 167 -16.25 53.11 -17.58
C SER C 167 -15.72 51.98 -18.46
N LEU C 168 -15.02 51.02 -17.84
CA LEU C 168 -14.34 49.96 -18.57
C LEU C 168 -15.26 48.76 -18.85
N ASN C 169 -16.14 48.46 -17.91
CA ASN C 169 -17.05 47.33 -18.03
C ASN C 169 -18.18 47.53 -19.02
N GLY C 170 -18.44 48.80 -19.35
CA GLY C 170 -19.52 49.16 -20.27
C GLY C 170 -20.89 49.14 -19.60
N PRO C 171 -21.90 49.73 -20.26
CA PRO C 171 -23.26 49.75 -19.70
C PRO C 171 -23.91 48.37 -19.68
N LEU C 172 -23.52 47.50 -20.61
CA LEU C 172 -24.08 46.15 -20.76
C LEU C 172 -23.64 45.19 -19.63
N SER C 173 -23.37 45.74 -18.45
CA SER C 173 -22.76 45.00 -17.35
C SER C 173 -23.70 44.78 -16.14
N THR C 174 -23.54 43.63 -15.50
CA THR C 174 -24.12 43.38 -14.17
C THR C 174 -23.01 42.87 -13.24
N SER C 175 -23.24 41.76 -12.54
CA SER C 175 -22.22 41.18 -11.67
C SER C 175 -22.13 39.65 -11.78
N ARG C 176 -21.22 39.23 -12.66
CA ARG C 176 -21.07 37.85 -13.09
C ARG C 176 -19.58 37.57 -13.39
N HIS C 177 -18.71 38.29 -12.69
CA HIS C 177 -17.27 38.14 -12.83
C HIS C 177 -16.63 37.84 -11.48
N VAL C 178 -15.30 37.70 -11.44
CA VAL C 178 -14.61 37.35 -10.18
C VAL C 178 -14.65 38.53 -9.20
N MET C 179 -14.45 39.75 -9.70
CA MET C 179 -14.39 40.93 -8.86
C MET C 179 -15.76 41.57 -8.67
N ALA C 180 -16.80 40.74 -8.75
CA ALA C 180 -18.15 41.11 -8.38
C ALA C 180 -18.17 41.42 -6.88
N PRO C 181 -18.90 42.47 -6.48
CA PRO C 181 -18.94 42.91 -5.08
C PRO C 181 -19.53 41.87 -4.10
N VAL C 182 -20.23 40.88 -4.63
CA VAL C 182 -20.78 39.78 -3.83
C VAL C 182 -20.62 38.44 -4.54
N MET C 183 -20.61 37.36 -3.77
CA MET C 183 -20.49 36.01 -4.32
C MET C 183 -21.50 35.82 -5.46
N ALA C 184 -20.98 35.76 -6.68
CA ALA C 184 -21.80 35.74 -7.87
C ALA C 184 -21.54 34.50 -8.73
N HIS C 185 -22.59 34.03 -9.41
CA HIS C 185 -22.43 32.99 -10.42
C HIS C 185 -21.73 33.61 -11.63
N VAL C 186 -20.47 33.20 -11.82
CA VAL C 186 -19.59 33.78 -12.83
C VAL C 186 -19.74 33.06 -14.17
N ASP C 187 -19.58 33.82 -15.26
CA ASP C 187 -19.51 33.27 -16.61
C ASP C 187 -18.20 32.48 -16.76
N PRO C 188 -18.30 31.15 -16.93
CA PRO C 188 -17.10 30.32 -17.07
C PRO C 188 -16.31 30.66 -18.35
N GLU C 189 -17.00 31.24 -19.32
CA GLU C 189 -16.36 31.66 -20.58
C GLU C 189 -15.52 32.93 -20.39
N GLU C 190 -15.88 33.72 -19.37
CA GLU C 190 -15.21 34.98 -19.11
C GLU C 190 -15.21 35.31 -17.60
N PRO C 191 -14.34 34.63 -16.82
CA PRO C 191 -14.18 34.85 -15.39
C PRO C 191 -13.89 36.29 -14.98
N TRP C 192 -12.94 36.95 -15.65
CA TRP C 192 -12.56 38.32 -15.29
C TRP C 192 -13.18 39.37 -16.23
N SER C 193 -13.48 40.55 -15.68
CA SER C 193 -14.05 41.66 -16.43
C SER C 193 -12.95 42.54 -17.00
N PRO C 194 -13.22 43.24 -18.13
CA PRO C 194 -12.22 44.16 -18.70
C PRO C 194 -11.59 45.09 -17.67
N CYS C 195 -12.36 45.47 -16.65
CA CYS C 195 -11.87 46.32 -15.56
C CYS C 195 -10.80 45.61 -14.73
N SER C 196 -11.09 44.38 -14.32
CA SER C 196 -10.09 43.51 -13.69
C SER C 196 -8.86 43.41 -14.58
N ALA C 197 -9.07 43.05 -15.85
CA ALA C 197 -8.00 42.85 -16.81
C ALA C 197 -7.11 44.08 -17.01
N ARG C 198 -7.71 45.27 -17.02
CA ARG C 198 -6.94 46.52 -17.19
C ARG C 198 -6.12 46.82 -15.94
N PHE C 199 -6.70 46.58 -14.77
CA PHE C 199 -6.08 46.93 -13.52
C PHE C 199 -4.82 46.12 -13.23
N ILE C 200 -4.87 44.82 -13.49
CA ILE C 200 -3.71 43.93 -13.33
C ILE C 200 -2.66 44.17 -14.43
N THR C 201 -3.11 44.56 -15.63
CA THR C 201 -2.21 44.87 -16.72
C THR C 201 -1.35 46.10 -16.40
N ASP C 202 -1.97 47.18 -15.93
CA ASP C 202 -1.23 48.38 -15.53
C ASP C 202 -0.38 48.14 -14.30
N PHE C 203 -0.90 47.36 -13.35
CA PHE C 203 -0.14 46.99 -12.14
C PHE C 203 1.22 46.39 -12.50
N LEU C 204 1.20 45.40 -13.39
CA LEU C 204 2.43 44.71 -13.82
C LEU C 204 3.30 45.56 -14.76
N ASP C 205 2.67 46.32 -15.66
CA ASP C 205 3.39 47.26 -16.53
C ASP C 205 4.15 48.31 -15.71
N ASN C 206 3.72 48.52 -14.46
CA ASN C 206 4.29 49.55 -13.59
C ASN C 206 5.35 49.01 -12.64
N GLY C 207 5.64 47.72 -12.73
CA GLY C 207 6.75 47.12 -12.01
C GLY C 207 6.43 46.53 -10.66
N TYR C 208 5.17 46.68 -10.23
CA TYR C 208 4.74 46.18 -8.92
C TYR C 208 4.72 44.65 -8.82
N GLY C 209 5.04 43.99 -9.93
CA GLY C 209 5.17 42.52 -9.95
C GLY C 209 6.60 42.02 -10.07
N HIS C 210 7.57 42.89 -9.75
CA HIS C 210 9.00 42.57 -9.90
C HIS C 210 9.39 41.26 -9.22
N CYS C 211 8.68 40.93 -8.13
CA CYS C 211 8.99 39.76 -7.33
C CYS C 211 8.36 38.47 -7.86
N LEU C 212 7.68 38.56 -9.00
CA LEU C 212 6.95 37.41 -9.56
C LEU C 212 7.60 36.78 -10.80
N LEU C 213 8.83 37.19 -11.13
CA LEU C 213 9.44 36.72 -12.37
C LEU C 213 10.28 35.44 -12.22
N ASP C 214 10.72 35.15 -11.00
CA ASP C 214 11.53 33.96 -10.73
C ASP C 214 10.67 32.69 -10.67
N LYS C 215 11.16 31.61 -11.25
CA LYS C 215 10.43 30.35 -11.28
C LYS C 215 10.60 29.60 -9.95
N PRO C 216 9.48 29.25 -9.28
CA PRO C 216 9.51 28.50 -8.02
C PRO C 216 10.30 27.20 -8.12
N GLU C 217 11.03 26.89 -7.04
CA GLU C 217 12.04 25.84 -7.06
C GLU C 217 11.44 24.42 -7.04
N ALA C 218 10.68 24.10 -6.00
CA ALA C 218 9.95 22.82 -5.95
C ALA C 218 8.60 22.96 -5.27
N PRO C 219 7.62 23.53 -6.00
CA PRO C 219 6.31 23.87 -5.43
C PRO C 219 5.54 22.61 -5.08
N LEU C 220 4.75 22.67 -4.01
CA LEU C 220 3.85 21.56 -3.69
C LEU C 220 2.97 21.27 -4.90
N HIS C 221 2.79 19.99 -5.20
CA HIS C 221 2.02 19.56 -6.37
C HIS C 221 0.50 19.70 -6.19
N LEU C 222 -0.15 20.43 -7.09
CA LEU C 222 -1.60 20.60 -7.05
C LEU C 222 -2.33 19.50 -7.82
N PRO C 223 -3.45 18.99 -7.26
CA PRO C 223 -4.24 17.95 -7.94
C PRO C 223 -4.62 18.30 -9.38
N VAL C 224 -4.54 17.29 -10.25
CA VAL C 224 -4.97 17.40 -11.63
C VAL C 224 -6.36 16.74 -11.75
N THR C 225 -6.68 15.91 -10.76
CA THR C 225 -8.01 15.29 -10.64
C THR C 225 -9.06 16.37 -10.46
N PHE C 226 -10.29 16.08 -10.89
CA PHE C 226 -11.42 17.01 -10.75
C PHE C 226 -11.90 17.11 -9.30
N PRO C 227 -12.13 18.35 -8.82
CA PRO C 227 -12.55 18.60 -7.43
C PRO C 227 -13.86 17.91 -7.06
N GLY C 228 -14.78 17.81 -8.03
CA GLY C 228 -16.06 17.12 -7.82
C GLY C 228 -15.96 15.62 -7.81
N LYS C 229 -14.81 15.09 -8.21
CA LYS C 229 -14.54 13.65 -8.17
C LYS C 229 -13.82 13.26 -6.88
N ASP C 230 -13.01 14.18 -6.38
CA ASP C 230 -12.33 14.00 -5.10
C ASP C 230 -13.34 14.11 -3.96
N TYR C 231 -14.22 15.10 -4.06
CA TYR C 231 -15.30 15.27 -3.11
C TYR C 231 -16.64 15.19 -3.82
N ASP C 232 -17.42 14.17 -3.49
CA ASP C 232 -18.74 14.04 -4.11
C ASP C 232 -19.75 14.99 -3.45
N ALA C 233 -20.94 15.08 -4.03
CA ALA C 233 -22.00 15.99 -3.57
C ALA C 233 -22.24 15.96 -2.05
N ASP C 234 -22.25 14.76 -1.47
CA ASP C 234 -22.46 14.59 -0.03
C ASP C 234 -21.33 15.22 0.79
N ARG C 235 -20.09 14.94 0.41
CA ARG C 235 -18.94 15.50 1.09
C ARG C 235 -18.83 17.02 0.92
N GLN C 236 -19.19 17.49 -0.27
CA GLN C 236 -19.31 18.92 -0.53
C GLN C 236 -20.24 19.58 0.50
N CYS C 237 -21.38 18.93 0.74
CA CYS C 237 -22.35 19.41 1.73
C CYS C 237 -21.81 19.37 3.15
N GLN C 238 -21.05 18.32 3.46
CA GLN C 238 -20.46 18.14 4.78
C GLN C 238 -19.39 19.20 5.03
N LEU C 239 -18.58 19.45 4.01
CA LEU C 239 -17.56 20.50 4.05
C LEU C 239 -18.14 21.90 4.28
N THR C 240 -19.41 22.10 3.88
CA THR C 240 -20.12 23.36 4.15
C THR C 240 -20.92 23.36 5.47
N PHE C 241 -21.87 22.43 5.61
CA PHE C 241 -22.83 22.43 6.73
C PHE C 241 -22.62 21.35 7.81
N GLY C 242 -21.47 20.68 7.78
CA GLY C 242 -21.14 19.70 8.84
C GLY C 242 -21.41 18.25 8.51
N PRO C 243 -21.07 17.34 9.44
CA PRO C 243 -21.01 15.89 9.14
C PRO C 243 -22.38 15.23 8.97
N ASP C 244 -23.42 15.85 9.51
CA ASP C 244 -24.80 15.35 9.37
C ASP C 244 -25.41 15.63 8.00
N SER C 245 -24.99 16.73 7.39
CA SER C 245 -25.58 17.22 6.14
C SER C 245 -25.37 16.26 4.98
N ARG C 246 -26.40 16.13 4.15
CA ARG C 246 -26.31 15.35 2.91
C ARG C 246 -26.73 16.22 1.73
N HIS C 247 -26.54 15.70 0.52
CA HIS C 247 -26.96 16.40 -0.69
C HIS C 247 -28.46 16.23 -1.00
N CYS C 248 -29.12 17.34 -1.34
CA CYS C 248 -30.50 17.33 -1.83
C CYS C 248 -30.47 17.41 -3.36
N PRO C 249 -30.49 16.24 -4.04
CA PRO C 249 -30.40 16.27 -5.50
C PRO C 249 -31.68 16.72 -6.22
N GLN C 250 -32.76 16.90 -5.46
CA GLN C 250 -34.07 17.16 -6.03
C GLN C 250 -34.43 18.65 -6.21
N LEU C 251 -33.46 19.54 -5.95
CA LEU C 251 -33.69 20.98 -6.06
C LEU C 251 -33.07 21.58 -7.32
N PRO C 252 -33.85 22.43 -8.04
CA PRO C 252 -33.81 22.64 -9.50
C PRO C 252 -32.74 23.53 -10.14
N PRO C 253 -31.83 24.13 -9.36
CA PRO C 253 -30.57 24.46 -10.03
C PRO C 253 -29.56 23.29 -9.98
N PRO C 254 -29.52 22.43 -11.03
CA PRO C 254 -28.56 21.30 -11.06
C PRO C 254 -27.19 21.78 -11.53
N CYS C 255 -26.15 21.41 -10.79
CA CYS C 255 -24.81 21.98 -10.97
C CYS C 255 -24.74 23.46 -10.55
N ALA C 256 -25.84 24.18 -10.79
CA ALA C 256 -25.88 25.64 -10.59
C ALA C 256 -25.88 26.06 -9.12
N ALA C 257 -26.57 25.30 -8.28
CA ALA C 257 -26.57 25.54 -6.83
C ALA C 257 -26.46 24.22 -6.07
N LEU C 258 -25.65 24.20 -5.02
CA LEU C 258 -25.54 23.02 -4.16
C LEU C 258 -26.48 23.11 -2.97
N TRP C 259 -27.53 22.28 -2.99
CA TRP C 259 -28.47 22.18 -1.89
C TRP C 259 -28.10 21.06 -0.92
N CYS C 260 -28.32 21.31 0.37
CA CYS C 260 -27.85 20.40 1.43
C CYS C 260 -28.85 20.29 2.58
N SER C 261 -29.07 19.05 3.02
CA SER C 261 -30.07 18.75 4.04
C SER C 261 -29.72 19.31 5.42
N GLY C 262 -30.79 19.57 6.17
CA GLY C 262 -30.72 20.06 7.54
C GLY C 262 -32.05 19.79 8.22
N HIS C 263 -32.25 20.38 9.39
CA HIS C 263 -33.45 20.15 10.19
C HIS C 263 -33.97 21.47 10.74
N LEU C 264 -35.28 21.64 10.74
CA LEU C 264 -35.91 22.88 11.19
C LEU C 264 -37.22 22.60 11.90
N ASN C 265 -37.35 23.16 13.10
CA ASN C 265 -38.57 23.05 13.91
C ASN C 265 -39.12 21.62 13.99
N GLY C 266 -38.26 20.64 13.67
CA GLY C 266 -38.62 19.22 13.78
C GLY C 266 -38.87 18.48 12.47
N HIS C 267 -38.65 19.17 11.34
CA HIS C 267 -38.82 18.56 10.03
C HIS C 267 -37.65 18.86 9.09
N ALA C 268 -37.61 18.13 7.97
CA ALA C 268 -36.54 18.24 6.99
C ALA C 268 -36.50 19.60 6.31
N MET C 269 -35.28 20.09 6.07
CA MET C 269 -35.08 21.27 5.26
C MET C 269 -33.90 21.05 4.31
N CYS C 270 -33.88 21.79 3.20
CA CYS C 270 -32.67 21.88 2.38
C CYS C 270 -32.22 23.33 2.35
N GLN C 271 -30.91 23.52 2.35
CA GLN C 271 -30.29 24.81 2.58
C GLN C 271 -29.23 25.04 1.51
N THR C 272 -28.95 26.29 1.15
CA THR C 272 -27.89 26.58 0.18
C THR C 272 -27.12 27.89 0.37
N LYS C 273 -25.86 27.90 -0.01
CA LYS C 273 -25.05 29.12 -0.05
C LYS C 273 -24.90 29.63 -1.49
N HIS C 274 -25.75 29.09 -2.38
CA HIS C 274 -25.86 29.47 -3.79
C HIS C 274 -24.54 29.50 -4.60
N SER C 275 -23.63 28.61 -4.23
CA SER C 275 -22.45 28.32 -5.03
C SER C 275 -22.69 27.03 -5.84
N PRO C 276 -22.08 26.92 -7.01
CA PRO C 276 -22.37 25.79 -7.89
C PRO C 276 -21.64 24.51 -7.44
N TRP C 277 -22.05 23.36 -7.99
CA TRP C 277 -21.41 22.08 -7.68
C TRP C 277 -19.94 22.10 -8.12
N ALA C 278 -19.07 21.42 -7.38
CA ALA C 278 -17.65 21.37 -7.75
C ALA C 278 -17.51 20.77 -9.14
N ASP C 279 -16.52 21.23 -9.90
CA ASP C 279 -16.32 20.78 -11.28
C ASP C 279 -15.98 19.29 -11.31
N GLY C 280 -16.72 18.56 -12.13
CA GLY C 280 -16.55 17.12 -12.26
C GLY C 280 -17.56 16.30 -11.48
N THR C 281 -18.44 16.96 -10.75
CA THR C 281 -19.46 16.27 -9.98
C THR C 281 -20.42 15.55 -10.92
N PRO C 282 -20.66 14.24 -10.66
CA PRO C 282 -21.66 13.47 -11.42
C PRO C 282 -23.05 14.09 -11.30
N CYS C 283 -23.65 14.40 -12.45
CA CYS C 283 -24.96 15.01 -12.52
C CYS C 283 -25.87 14.28 -13.50
N GLY C 284 -25.58 12.99 -13.73
CA GLY C 284 -26.37 12.15 -14.63
C GLY C 284 -25.49 11.15 -15.36
N PRO C 285 -26.11 10.14 -16.00
CA PRO C 285 -25.34 9.16 -16.78
C PRO C 285 -24.40 9.83 -17.78
N ALA C 286 -23.10 9.56 -17.63
CA ALA C 286 -22.05 10.13 -18.50
C ALA C 286 -22.02 11.67 -18.50
N GLN C 287 -22.53 12.25 -17.42
CA GLN C 287 -22.64 13.70 -17.29
C GLN C 287 -21.99 14.21 -16.01
N ALA C 288 -21.23 15.30 -16.12
CA ALA C 288 -20.58 15.93 -14.97
C ALA C 288 -20.60 17.46 -15.05
N CYS C 289 -20.54 18.14 -13.90
CA CYS C 289 -20.62 19.59 -13.87
C CYS C 289 -19.31 20.28 -14.28
N MET C 290 -19.44 21.33 -15.09
CA MET C 290 -18.35 22.25 -15.38
C MET C 290 -18.91 23.67 -15.34
N GLY C 291 -18.37 24.49 -14.44
CA GLY C 291 -18.79 25.89 -14.28
C GLY C 291 -20.29 26.06 -14.14
N GLY C 292 -20.87 25.36 -13.16
CA GLY C 292 -22.30 25.49 -12.85
C GLY C 292 -23.29 24.87 -13.82
N ARG C 293 -22.80 24.23 -14.89
CA ARG C 293 -23.67 23.57 -15.87
C ARG C 293 -23.41 22.07 -15.98
N CYS C 294 -24.47 21.28 -16.13
CA CYS C 294 -24.34 19.84 -16.28
C CYS C 294 -24.06 19.50 -17.74
N LEU C 295 -22.81 19.18 -18.03
CA LEU C 295 -22.37 18.86 -19.38
C LEU C 295 -22.04 17.37 -19.55
N HIS C 296 -21.67 17.01 -20.77
CA HIS C 296 -21.32 15.63 -21.11
C HIS C 296 -19.84 15.55 -21.48
N SER D 3 26.83 -2.47 14.19
CA SER D 3 26.83 -1.92 12.80
C SER D 3 28.19 -2.12 12.12
N LEU D 4 28.21 -2.97 11.10
CA LEU D 4 29.45 -3.31 10.39
C LEU D 4 29.77 -2.21 9.40
N SER D 5 31.01 -1.73 9.44
CA SER D 5 31.41 -0.62 8.58
C SER D 5 31.44 -1.04 7.10
N ARG D 6 31.06 -0.12 6.23
CA ARG D 6 30.91 -0.42 4.82
C ARG D 6 31.73 0.54 3.97
N PHE D 7 32.22 0.03 2.84
CA PHE D 7 33.10 0.78 1.94
C PHE D 7 32.54 0.76 0.52
N VAL D 8 32.52 1.91 -0.14
CA VAL D 8 31.97 1.98 -1.49
C VAL D 8 33.11 2.19 -2.48
N GLU D 9 33.48 1.12 -3.17
CA GLU D 9 34.55 1.20 -4.16
C GLU D 9 34.01 1.84 -5.42
N THR D 10 34.52 3.02 -5.73
CA THR D 10 33.90 3.89 -6.73
C THR D 10 34.76 4.16 -7.95
N LEU D 11 34.18 3.97 -9.13
CA LEU D 11 34.84 4.35 -10.37
C LEU D 11 34.39 5.75 -10.80
N VAL D 12 35.29 6.71 -10.68
CA VAL D 12 34.99 8.07 -11.09
C VAL D 12 35.36 8.24 -12.56
N VAL D 13 34.38 8.65 -13.37
CA VAL D 13 34.61 8.88 -14.81
C VAL D 13 34.40 10.35 -15.22
N ALA D 14 35.36 10.87 -15.99
CA ALA D 14 35.26 12.21 -16.58
C ALA D 14 35.20 12.12 -18.11
N ASP D 15 34.33 12.93 -18.72
CA ASP D 15 33.96 12.75 -20.12
C ASP D 15 34.64 13.69 -21.12
N ASP D 16 34.37 13.43 -22.41
CA ASP D 16 34.65 14.30 -23.54
C ASP D 16 34.72 15.78 -23.17
N LYS D 17 33.66 16.28 -22.54
CA LYS D 17 33.49 17.72 -22.31
C LYS D 17 34.19 18.24 -21.06
N MET D 18 34.29 17.41 -20.02
CA MET D 18 35.02 17.76 -18.80
C MET D 18 36.49 18.07 -19.06
N ALA D 19 37.14 17.18 -19.83
CA ALA D 19 38.56 17.32 -20.21
C ALA D 19 38.89 18.68 -20.83
N ALA D 20 38.03 19.12 -21.75
CA ALA D 20 38.20 20.39 -22.43
C ALA D 20 38.15 21.55 -21.44
N PHE D 21 37.27 21.44 -20.44
CA PHE D 21 37.09 22.50 -19.46
C PHE D 21 38.24 22.63 -18.47
N HIS D 22 38.62 21.52 -17.83
CA HIS D 22 39.57 21.56 -16.71
C HIS D 22 41.04 21.42 -17.10
N GLY D 23 41.31 20.64 -18.14
CA GLY D 23 42.67 20.40 -18.61
C GLY D 23 43.44 19.56 -17.61
N ALA D 24 44.68 19.96 -17.34
CA ALA D 24 45.57 19.25 -16.41
C ALA D 24 44.99 19.14 -14.99
N GLY D 25 44.26 20.16 -14.56
CA GLY D 25 43.69 20.20 -13.22
C GLY D 25 42.46 19.33 -12.97
N LEU D 26 42.18 18.39 -13.88
CA LEU D 26 40.95 17.59 -13.82
C LEU D 26 40.94 16.49 -12.76
N LYS D 27 42.05 15.73 -12.68
CA LYS D 27 42.21 14.67 -11.69
C LYS D 27 42.09 15.24 -10.28
N ARG D 28 42.79 16.35 -10.03
CA ARG D 28 42.75 17.06 -8.75
C ARG D 28 41.34 17.58 -8.41
N TYR D 29 40.66 18.15 -9.41
CA TYR D 29 39.29 18.66 -9.24
C TYR D 29 38.32 17.56 -8.82
N LEU D 30 38.42 16.41 -9.47
CA LEU D 30 37.52 15.28 -9.23
C LEU D 30 37.65 14.79 -7.80
N LEU D 31 38.88 14.70 -7.30
CA LEU D 31 39.17 14.25 -5.94
C LEU D 31 38.76 15.27 -4.91
N THR D 32 38.80 16.55 -5.26
CA THR D 32 38.30 17.61 -4.39
C THR D 32 36.80 17.43 -4.18
N VAL D 33 36.09 17.21 -5.30
CA VAL D 33 34.64 17.07 -5.31
C VAL D 33 34.22 15.79 -4.59
N MET D 34 34.93 14.70 -4.88
CA MET D 34 34.65 13.40 -4.27
C MET D 34 35.02 13.32 -2.80
N ALA D 35 35.98 14.14 -2.36
CA ALA D 35 36.33 14.23 -0.95
C ALA D 35 35.22 14.86 -0.13
N ALA D 36 34.53 15.83 -0.72
CA ALA D 36 33.41 16.48 -0.07
C ALA D 36 32.21 15.54 0.01
N ALA D 37 31.90 14.90 -1.12
CA ALA D 37 30.80 13.94 -1.18
C ALA D 37 31.02 12.82 -0.16
N ALA D 38 32.29 12.47 0.07
CA ALA D 38 32.63 11.47 1.08
C ALA D 38 32.40 11.98 2.51
N LYS D 39 32.83 13.21 2.81
CA LYS D 39 32.62 13.78 4.14
C LYS D 39 31.13 13.77 4.53
N ALA D 40 30.28 14.21 3.60
CA ALA D 40 28.84 14.11 3.75
C ALA D 40 28.42 12.71 4.22
N PHE D 41 28.90 11.68 3.52
CA PHE D 41 28.54 10.31 3.87
C PHE D 41 29.07 9.81 5.22
N LYS D 42 30.11 10.47 5.75
CA LYS D 42 30.68 10.06 7.04
C LYS D 42 30.03 10.71 8.25
N HIS D 43 29.09 11.62 8.01
CA HIS D 43 28.40 12.32 9.09
C HIS D 43 27.46 11.39 9.86
N PRO D 44 27.47 11.48 11.21
CA PRO D 44 26.60 10.71 12.09
C PRO D 44 25.10 10.69 11.71
N SER D 45 24.64 11.74 11.02
CA SER D 45 23.23 11.86 10.59
C SER D 45 22.75 10.66 9.78
N ILE D 46 23.64 10.07 8.98
CA ILE D 46 23.28 8.97 8.09
C ILE D 46 23.07 7.67 8.86
N ARG D 47 23.49 7.68 10.13
CA ARG D 47 23.33 6.57 11.09
C ARG D 47 24.10 5.28 10.77
N ASN D 48 24.77 5.26 9.62
CA ASN D 48 25.54 4.10 9.18
C ASN D 48 26.97 4.45 8.77
N PRO D 49 27.93 3.54 9.02
CA PRO D 49 29.30 3.86 8.67
C PRO D 49 29.59 3.56 7.20
N VAL D 50 29.45 4.57 6.35
CA VAL D 50 29.71 4.41 4.93
C VAL D 50 30.90 5.25 4.50
N SER D 51 31.91 4.60 3.90
CA SER D 51 33.10 5.29 3.41
C SER D 51 33.19 5.26 1.89
N LEU D 52 33.04 6.44 1.27
CA LEU D 52 33.28 6.59 -0.14
C LEU D 52 34.77 6.56 -0.41
N VAL D 53 35.16 5.69 -1.33
CA VAL D 53 36.55 5.47 -1.67
C VAL D 53 36.66 5.47 -3.19
N VAL D 54 37.62 6.23 -3.71
CA VAL D 54 37.89 6.24 -5.14
C VAL D 54 38.93 5.18 -5.45
N THR D 55 38.51 4.06 -6.04
CA THR D 55 39.44 2.99 -6.39
C THR D 55 40.01 3.17 -7.79
N ARG D 56 39.21 3.75 -8.69
CA ARG D 56 39.62 3.96 -10.08
C ARG D 56 39.11 5.28 -10.67
N LEU D 57 39.95 5.93 -11.47
CA LEU D 57 39.60 7.20 -12.13
C LEU D 57 39.89 7.13 -13.64
N VAL D 58 38.83 7.26 -14.44
CA VAL D 58 38.98 7.20 -15.89
C VAL D 58 38.67 8.54 -16.54
N ILE D 59 39.60 9.01 -17.36
CA ILE D 59 39.43 10.24 -18.12
C ILE D 59 39.30 9.88 -19.61
N LEU D 60 38.20 10.34 -20.21
CA LEU D 60 37.91 10.06 -21.62
C LEU D 60 38.42 11.17 -22.53
N GLY D 66 33.50 4.69 -26.17
CA GLY D 66 32.99 5.82 -25.41
C GLY D 66 31.47 5.78 -25.25
N PRO D 67 30.95 6.39 -24.16
CA PRO D 67 29.50 6.45 -23.94
C PRO D 67 28.85 7.62 -24.68
N GLN D 68 27.55 7.50 -24.95
CA GLN D 68 26.80 8.56 -25.62
C GLN D 68 26.37 9.61 -24.60
N VAL D 69 27.07 10.75 -24.59
CA VAL D 69 26.75 11.82 -23.69
C VAL D 69 25.95 12.91 -24.42
N GLY D 70 24.62 12.77 -24.36
CA GLY D 70 23.72 13.72 -24.99
C GLY D 70 22.97 14.56 -23.97
N PRO D 71 22.18 15.54 -24.44
CA PRO D 71 21.38 16.43 -23.57
C PRO D 71 20.39 15.68 -22.66
N SER D 72 19.75 14.64 -23.19
CA SER D 72 18.80 13.82 -22.43
C SER D 72 19.51 13.14 -21.26
N ALA D 73 18.98 13.33 -20.06
CA ALA D 73 19.56 12.72 -18.86
C ALA D 73 19.38 11.22 -18.84
N ALA D 74 18.13 10.79 -19.02
CA ALA D 74 17.77 9.37 -19.00
C ALA D 74 18.57 8.55 -20.02
N GLN D 75 18.78 9.14 -21.21
CA GLN D 75 19.50 8.48 -22.30
C GLN D 75 21.00 8.37 -22.03
N THR D 76 21.55 9.34 -21.32
CA THR D 76 22.98 9.33 -20.96
C THR D 76 23.29 8.35 -19.82
N LEU D 77 22.38 8.26 -18.85
CA LEU D 77 22.52 7.34 -17.73
C LEU D 77 22.49 5.87 -18.16
N ARG D 78 21.63 5.56 -19.13
CA ARG D 78 21.48 4.18 -19.60
C ARG D 78 22.67 3.77 -20.47
N SER D 79 23.16 4.74 -21.24
CA SER D 79 24.34 4.57 -22.09
C SER D 79 25.62 4.37 -21.27
N PHE D 80 25.66 5.03 -20.11
CA PHE D 80 26.81 4.98 -19.21
C PHE D 80 26.88 3.69 -18.41
N CYS D 81 25.73 3.12 -18.06
CA CYS D 81 25.70 1.83 -17.38
C CYS D 81 26.15 0.69 -18.30
N ALA D 82 25.60 0.66 -19.52
CA ALA D 82 25.97 -0.34 -20.50
C ALA D 82 27.49 -0.39 -20.73
N TRP D 83 28.12 0.79 -20.75
CA TRP D 83 29.54 0.94 -21.03
C TRP D 83 30.43 0.61 -19.83
N GLN D 84 30.08 1.12 -18.66
CA GLN D 84 30.81 0.87 -17.41
C GLN D 84 31.05 -0.61 -17.08
N ARG D 85 30.07 -1.47 -17.40
CA ARG D 85 30.15 -2.91 -17.11
C ARG D 85 31.41 -3.57 -17.69
N GLY D 86 31.90 -3.02 -18.79
CA GLY D 86 33.09 -3.51 -19.47
C GLY D 86 34.40 -3.23 -18.73
N LEU D 87 34.42 -2.15 -17.95
CA LEU D 87 35.59 -1.82 -17.13
C LEU D 87 35.62 -2.63 -15.83
N ASN D 88 34.55 -3.38 -15.57
CA ASN D 88 34.41 -4.11 -14.32
C ASN D 88 34.97 -5.54 -14.41
N THR D 89 35.18 -6.16 -13.24
CA THR D 89 35.67 -7.54 -13.16
C THR D 89 34.59 -8.42 -12.54
N PRO D 90 34.62 -9.74 -12.86
CA PRO D 90 33.61 -10.68 -12.36
C PRO D 90 33.53 -10.78 -10.84
N GLU D 91 34.67 -10.83 -10.16
CA GLU D 91 34.70 -10.96 -8.69
C GLU D 91 35.20 -9.69 -8.02
N ASP D 92 34.65 -9.39 -6.84
CA ASP D 92 35.03 -8.21 -6.06
C ASP D 92 36.45 -8.34 -5.52
N SER D 93 36.96 -9.57 -5.62
CA SER D 93 38.33 -9.94 -5.28
C SER D 93 39.39 -9.06 -5.95
N ASP D 94 39.30 -8.90 -7.27
CA ASP D 94 40.27 -8.09 -8.01
C ASP D 94 40.26 -6.65 -7.50
N PRO D 95 41.45 -6.13 -7.11
CA PRO D 95 41.60 -4.75 -6.66
C PRO D 95 40.89 -3.75 -7.58
N ASP D 96 40.76 -4.14 -8.86
CA ASP D 96 40.19 -3.30 -9.90
C ASP D 96 38.65 -3.31 -10.00
N HIS D 97 38.02 -4.30 -9.37
CA HIS D 97 36.55 -4.34 -9.28
C HIS D 97 36.03 -3.11 -8.53
N PHE D 98 34.93 -2.55 -9.02
CA PHE D 98 34.25 -1.43 -8.34
C PHE D 98 32.79 -1.72 -8.00
N ASP D 99 32.30 -1.15 -6.90
CA ASP D 99 30.91 -1.35 -6.48
C ASP D 99 29.93 -0.34 -7.08
N THR D 100 30.43 0.79 -7.56
CA THR D 100 29.57 1.81 -8.17
C THR D 100 30.41 2.65 -9.12
N ALA D 101 29.75 3.30 -10.07
CA ALA D 101 30.43 4.17 -11.03
C ALA D 101 29.69 5.49 -11.21
N ILE D 102 30.43 6.60 -11.13
CA ILE D 102 29.85 7.95 -11.26
C ILE D 102 30.50 8.72 -12.42
N LEU D 103 29.68 9.32 -13.27
CA LEU D 103 30.17 10.11 -14.39
C LEU D 103 29.96 11.61 -14.16
N PHE D 104 30.99 12.39 -14.46
CA PHE D 104 30.89 13.85 -14.41
C PHE D 104 31.00 14.43 -15.82
N THR D 105 30.10 15.34 -16.15
CA THR D 105 30.09 15.93 -17.49
C THR D 105 29.71 17.41 -17.45
N ARG D 106 30.35 18.21 -18.30
CA ARG D 106 29.98 19.64 -18.43
C ARG D 106 28.73 19.82 -19.29
N GLN D 107 28.33 18.74 -19.96
CA GLN D 107 27.08 18.69 -20.71
C GLN D 107 25.93 19.15 -19.84
N ASP D 108 25.12 20.08 -20.35
CA ASP D 108 23.88 20.44 -19.69
C ASP D 108 22.89 19.29 -19.82
N LEU D 109 22.58 18.66 -18.70
CA LEU D 109 21.64 17.55 -18.68
C LEU D 109 20.23 18.09 -18.59
N CYS D 110 19.30 17.40 -19.26
CA CYS D 110 17.93 17.88 -19.42
C CYS D 110 16.89 16.80 -19.14
N GLY D 111 15.71 17.24 -18.72
CA GLY D 111 14.54 16.37 -18.60
C GLY D 111 13.68 16.56 -19.83
N VAL D 112 12.39 16.23 -19.71
CA VAL D 112 11.45 16.40 -20.82
C VAL D 112 11.00 17.87 -20.95
N SER D 113 10.93 18.56 -19.81
CA SER D 113 10.46 19.94 -19.76
C SER D 113 11.62 20.94 -19.72
N THR D 114 12.52 20.76 -18.76
CA THR D 114 13.57 21.74 -18.44
C THR D 114 14.98 21.15 -18.47
N CYS D 115 15.97 22.04 -18.45
CA CYS D 115 17.38 21.66 -18.35
C CYS D 115 17.89 21.87 -16.93
N ASP D 116 16.98 22.11 -16.00
CA ASP D 116 17.36 22.35 -14.61
C ASP D 116 17.86 21.06 -13.92
N THR D 117 17.82 19.95 -14.65
CA THR D 117 18.41 18.68 -14.21
C THR D 117 19.89 18.91 -13.94
N LEU D 118 20.35 18.42 -12.79
CA LEU D 118 21.75 18.53 -12.39
C LEU D 118 22.45 17.17 -12.30
N GLY D 119 21.64 16.11 -12.28
CA GLY D 119 22.14 14.74 -12.26
C GLY D 119 21.00 13.74 -12.33
N MET D 120 21.33 12.47 -12.54
CA MET D 120 20.35 11.40 -12.48
C MET D 120 20.95 10.09 -11.99
N ALA D 121 20.13 9.27 -11.34
CA ALA D 121 20.51 7.93 -10.87
C ALA D 121 19.29 7.10 -10.49
N ASP D 122 19.23 5.85 -10.97
CA ASP D 122 18.21 4.89 -10.54
C ASP D 122 18.33 4.61 -9.05
N VAL D 123 17.21 4.27 -8.42
CA VAL D 123 17.14 4.13 -6.96
C VAL D 123 17.39 2.71 -6.47
N GLY D 124 18.37 2.56 -5.56
CA GLY D 124 18.59 1.33 -4.80
C GLY D 124 19.29 0.23 -5.56
N THR D 125 20.50 0.51 -6.03
CA THR D 125 21.18 -0.35 -7.01
C THR D 125 22.63 -0.70 -6.63
N VAL D 126 23.05 -0.31 -5.43
CA VAL D 126 24.48 -0.30 -5.06
C VAL D 126 25.28 -1.58 -5.34
N CYS D 127 24.66 -2.74 -5.14
CA CYS D 127 25.37 -4.00 -5.32
C CYS D 127 24.93 -4.81 -6.54
N ASP D 128 24.20 -4.16 -7.44
CA ASP D 128 23.92 -4.69 -8.77
C ASP D 128 24.88 -4.00 -9.76
N PRO D 129 26.01 -4.66 -10.08
CA PRO D 129 27.05 -4.09 -10.94
C PRO D 129 26.55 -3.65 -12.32
N ALA D 130 25.36 -4.13 -12.69
CA ALA D 130 24.72 -3.75 -13.94
C ALA D 130 23.96 -2.42 -13.82
N ARG D 131 23.38 -2.16 -12.65
CA ARG D 131 22.54 -0.99 -12.47
C ARG D 131 23.11 0.09 -11.54
N SER D 132 24.21 -0.20 -10.87
CA SER D 132 24.80 0.74 -9.91
C SER D 132 25.59 1.87 -10.57
N CYS D 133 24.88 2.82 -11.17
CA CYS D 133 25.51 3.98 -11.84
C CYS D 133 24.81 5.30 -11.49
N ALA D 134 25.53 6.40 -11.68
CA ALA D 134 24.99 7.74 -11.55
C ALA D 134 25.70 8.70 -12.51
N ILE D 135 24.99 9.76 -12.90
CA ILE D 135 25.59 10.84 -13.68
C ILE D 135 25.37 12.19 -13.00
N VAL D 136 26.36 13.07 -13.13
CA VAL D 136 26.33 14.39 -12.50
C VAL D 136 26.77 15.43 -13.52
N GLU D 137 26.02 16.52 -13.61
CA GLU D 137 26.43 17.70 -14.36
C GLU D 137 27.30 18.55 -13.45
N ASP D 138 28.49 18.87 -13.90
CA ASP D 138 29.40 19.69 -13.13
C ASP D 138 29.11 21.16 -13.42
N ASP D 139 28.48 21.83 -12.45
CA ASP D 139 28.22 23.26 -12.51
C ASP D 139 29.11 23.98 -11.48
N GLY D 140 30.30 23.42 -11.27
CA GLY D 140 31.22 23.91 -10.25
C GLY D 140 31.26 23.05 -8.99
N LEU D 141 31.98 23.54 -7.98
CA LEU D 141 32.21 22.80 -6.74
C LEU D 141 30.97 22.21 -6.09
N GLN D 142 29.81 22.83 -6.31
CA GLN D 142 28.56 22.36 -5.71
C GLN D 142 28.18 20.95 -6.18
N SER D 143 28.78 20.52 -7.29
CA SER D 143 28.56 19.17 -7.83
C SER D 143 28.98 18.05 -6.87
N ALA D 144 29.76 18.39 -5.84
CA ALA D 144 29.99 17.46 -4.73
C ALA D 144 28.66 17.15 -4.07
N PHE D 145 27.84 18.19 -3.92
CA PHE D 145 26.53 18.05 -3.30
C PHE D 145 25.55 17.32 -4.22
N THR D 146 25.65 17.56 -5.53
CA THR D 146 24.87 16.79 -6.50
C THR D 146 25.25 15.31 -6.41
N ALA D 147 26.55 15.03 -6.41
CA ALA D 147 27.05 13.65 -6.34
C ALA D 147 26.61 12.93 -5.06
N ALA D 148 26.67 13.61 -3.91
CA ALA D 148 26.23 13.02 -2.65
C ALA D 148 24.75 12.68 -2.73
N HIS D 149 24.00 13.55 -3.39
CA HIS D 149 22.57 13.36 -3.59
C HIS D 149 22.29 12.11 -4.43
N GLN D 150 23.01 11.95 -5.54
CA GLN D 150 22.81 10.81 -6.43
C GLN D 150 23.16 9.49 -5.75
N LEU D 151 24.30 9.47 -5.05
CA LEU D 151 24.67 8.32 -4.24
C LEU D 151 23.62 8.03 -3.18
N GLY D 152 22.99 9.08 -2.65
CA GLY D 152 21.82 8.92 -1.79
C GLY D 152 20.77 8.02 -2.44
N HIS D 153 20.38 8.38 -3.67
CA HIS D 153 19.46 7.55 -4.44
C HIS D 153 19.99 6.13 -4.64
N VAL D 154 21.28 6.02 -4.96
CA VAL D 154 21.88 4.69 -5.14
C VAL D 154 21.67 3.82 -3.88
N PHE D 155 21.80 4.43 -2.71
CA PHE D 155 21.53 3.76 -1.45
C PHE D 155 20.05 3.74 -1.09
N ASN D 156 19.18 3.84 -2.09
CA ASN D 156 17.73 3.61 -1.94
C ASN D 156 16.96 4.71 -1.20
N MET D 157 17.54 5.90 -1.12
CA MET D 157 16.83 7.03 -0.55
C MET D 157 15.85 7.62 -1.56
N LEU D 158 14.77 8.19 -1.06
CA LEU D 158 13.83 8.94 -1.88
C LEU D 158 14.00 10.43 -1.54
N HIS D 159 13.16 11.29 -2.11
CA HIS D 159 13.24 12.71 -1.79
C HIS D 159 12.50 13.01 -0.50
N ASP D 160 12.99 14.02 0.22
CA ASP D 160 12.47 14.35 1.56
C ASP D 160 11.08 14.99 1.57
N ASN D 161 10.48 15.15 0.38
CA ASN D 161 9.13 15.66 0.25
C ASN D 161 8.16 14.65 -0.40
N SER D 162 8.58 13.38 -0.43
CA SER D 162 7.76 12.31 -1.00
C SER D 162 6.85 11.68 0.07
N LYS D 163 6.05 10.71 -0.35
CA LYS D 163 5.08 10.04 0.53
C LYS D 163 5.67 9.52 1.87
N PRO D 164 6.65 8.59 1.80
CA PRO D 164 7.15 7.98 3.05
C PRO D 164 7.89 8.94 3.98
N CYS D 165 8.62 9.90 3.42
CA CYS D 165 9.49 10.79 4.20
C CYS D 165 8.75 11.73 5.16
N ILE D 166 7.58 12.23 4.75
CA ILE D 166 6.81 13.17 5.56
C ILE D 166 6.42 12.58 6.93
N SER D 167 6.13 11.28 6.94
CA SER D 167 5.86 10.55 8.18
C SER D 167 7.07 10.51 9.10
N LEU D 168 8.26 10.36 8.52
CA LEU D 168 9.49 10.17 9.29
C LEU D 168 10.30 11.45 9.54
N ASN D 169 9.95 12.53 8.87
CA ASN D 169 10.67 13.80 9.02
C ASN D 169 10.13 14.66 10.15
N SER D 175 12.82 22.54 2.67
CA SER D 175 13.71 21.39 2.84
C SER D 175 15.18 21.81 2.99
N ARG D 176 15.82 21.26 4.02
CA ARG D 176 17.17 21.65 4.43
C ARG D 176 18.16 20.47 4.60
N HIS D 177 17.90 19.37 3.90
CA HIS D 177 18.75 18.18 3.98
C HIS D 177 19.30 17.78 2.62
N VAL D 178 20.15 16.75 2.57
CA VAL D 178 20.77 16.30 1.30
C VAL D 178 19.76 15.83 0.26
N MET D 179 18.75 15.06 0.68
CA MET D 179 17.79 14.53 -0.27
C MET D 179 16.57 15.43 -0.48
N ALA D 180 16.80 16.75 -0.40
CA ALA D 180 15.82 17.74 -0.81
C ALA D 180 15.65 17.64 -2.33
N PRO D 181 14.43 17.86 -2.85
CA PRO D 181 14.18 17.67 -4.28
C PRO D 181 14.86 18.73 -5.16
N VAL D 182 15.44 19.74 -4.53
CA VAL D 182 16.13 20.83 -5.23
C VAL D 182 17.40 21.27 -4.49
N MET D 183 18.30 21.89 -5.24
CA MET D 183 19.59 22.37 -4.71
C MET D 183 19.39 23.33 -3.53
N ALA D 184 19.37 22.77 -2.33
CA ALA D 184 19.03 23.52 -1.12
C ALA D 184 20.23 23.76 -0.21
N HIS D 185 20.16 24.84 0.58
CA HIS D 185 21.15 25.10 1.62
C HIS D 185 20.94 24.14 2.78
N VAL D 186 21.95 23.34 3.06
CA VAL D 186 21.83 22.22 4.00
C VAL D 186 22.55 22.49 5.33
N ASP D 187 21.86 22.17 6.43
CA ASP D 187 22.41 22.27 7.78
C ASP D 187 23.64 21.34 7.95
N PRO D 188 24.84 21.92 8.09
CA PRO D 188 26.10 21.18 8.11
C PRO D 188 26.29 20.25 9.32
N GLU D 189 25.58 20.53 10.41
CA GLU D 189 25.65 19.69 11.60
C GLU D 189 24.58 18.59 11.60
N GLU D 190 23.74 18.57 10.57
CA GLU D 190 22.78 17.48 10.32
C GLU D 190 22.37 17.41 8.84
N PRO D 191 23.30 17.01 7.95
CA PRO D 191 23.01 16.94 6.53
C PRO D 191 21.97 15.90 6.12
N TRP D 192 21.93 14.76 6.81
CA TRP D 192 20.98 13.69 6.47
C TRP D 192 19.69 13.72 7.31
N SER D 193 18.55 13.79 6.63
CA SER D 193 17.23 13.76 7.25
C SER D 193 16.91 12.37 7.79
N PRO D 194 16.23 12.30 8.94
CA PRO D 194 15.79 11.02 9.53
C PRO D 194 15.25 10.01 8.51
N CYS D 195 14.42 10.45 7.57
CA CYS D 195 13.87 9.58 6.52
C CYS D 195 14.98 8.88 5.75
N SER D 196 15.96 9.65 5.29
CA SER D 196 17.13 9.14 4.58
C SER D 196 17.92 8.12 5.41
N ALA D 197 18.17 8.46 6.67
CA ALA D 197 18.84 7.57 7.61
C ALA D 197 18.10 6.25 7.74
N ARG D 198 16.77 6.30 7.69
CA ARG D 198 15.97 5.10 7.80
C ARG D 198 16.07 4.27 6.53
N PHE D 199 15.92 4.93 5.38
CA PHE D 199 15.88 4.17 4.13
C PHE D 199 17.14 3.37 3.90
N ILE D 200 18.29 4.01 4.10
CA ILE D 200 19.59 3.35 4.00
C ILE D 200 19.75 2.21 5.02
N THR D 201 19.32 2.43 6.26
CA THR D 201 19.38 1.40 7.31
C THR D 201 18.74 0.09 6.85
N ASP D 202 17.49 0.16 6.38
CA ASP D 202 16.76 -1.06 5.98
C ASP D 202 17.42 -1.70 4.80
N PHE D 203 17.84 -0.87 3.84
CA PHE D 203 18.57 -1.32 2.69
C PHE D 203 19.74 -2.21 3.15
N LEU D 204 20.55 -1.65 4.05
CA LEU D 204 21.71 -2.35 4.60
C LEU D 204 21.35 -3.57 5.46
N ASP D 205 20.36 -3.44 6.34
CA ASP D 205 19.92 -4.55 7.17
C ASP D 205 19.32 -5.69 6.36
N ASN D 206 18.79 -5.37 5.18
CA ASN D 206 18.22 -6.38 4.28
C ASN D 206 19.26 -7.00 3.34
N GLY D 207 20.52 -6.64 3.55
CA GLY D 207 21.63 -7.23 2.81
C GLY D 207 21.89 -6.71 1.41
N TYR D 208 21.35 -5.54 1.09
CA TYR D 208 21.52 -4.98 -0.24
C TYR D 208 22.88 -4.31 -0.45
N GLY D 209 23.68 -4.24 0.63
CA GLY D 209 25.05 -3.73 0.58
C GLY D 209 26.09 -4.82 0.85
N HIS D 210 25.78 -6.06 0.46
CA HIS D 210 26.67 -7.21 0.66
C HIS D 210 28.02 -7.03 -0.02
N CYS D 211 28.05 -6.23 -1.09
CA CYS D 211 29.25 -6.00 -1.87
C CYS D 211 30.12 -4.90 -1.28
N LEU D 212 29.70 -4.37 -0.14
CA LEU D 212 30.38 -3.23 0.48
C LEU D 212 31.17 -3.61 1.72
N LEU D 213 31.40 -4.90 1.93
CA LEU D 213 32.03 -5.37 3.16
C LEU D 213 33.53 -5.45 3.13
N ASP D 214 34.11 -5.64 1.94
CA ASP D 214 35.57 -5.73 1.81
C ASP D 214 36.23 -4.35 1.73
N LYS D 215 37.31 -4.17 2.47
CA LYS D 215 38.07 -2.94 2.41
C LYS D 215 38.85 -2.88 1.09
N PRO D 216 38.81 -1.71 0.42
CA PRO D 216 39.66 -1.44 -0.75
C PRO D 216 41.13 -1.63 -0.38
N GLU D 217 41.91 -2.08 -1.36
CA GLU D 217 43.31 -2.39 -1.11
C GLU D 217 44.26 -1.19 -1.40
N ALA D 218 43.92 -0.33 -2.36
CA ALA D 218 44.80 0.81 -2.69
C ALA D 218 44.10 2.09 -3.15
N PRO D 219 43.32 2.73 -2.24
CA PRO D 219 42.48 3.87 -2.63
C PRO D 219 43.29 5.13 -2.96
N LEU D 220 42.87 5.80 -4.04
CA LEU D 220 43.45 7.11 -4.40
C LEU D 220 43.21 8.05 -3.23
N HIS D 221 44.25 8.75 -2.80
CA HIS D 221 44.12 9.64 -1.64
C HIS D 221 43.30 10.88 -1.98
N LEU D 222 42.29 11.15 -1.17
CA LEU D 222 41.45 12.33 -1.31
C LEU D 222 41.95 13.43 -0.37
N PRO D 223 41.91 14.71 -0.82
CA PRO D 223 42.36 15.83 0.01
C PRO D 223 41.74 15.89 1.41
N VAL D 224 42.56 16.28 2.38
CA VAL D 224 42.10 16.61 3.73
C VAL D 224 41.89 18.12 3.80
N THR D 225 42.50 18.81 2.84
CA THR D 225 42.38 20.27 2.70
C THR D 225 40.96 20.74 2.42
N PHE D 226 40.62 21.91 2.97
CA PHE D 226 39.36 22.60 2.69
C PHE D 226 39.29 23.02 1.22
N PRO D 227 38.16 22.72 0.54
CA PRO D 227 37.97 23.01 -0.88
C PRO D 227 38.10 24.50 -1.23
N GLY D 228 37.66 25.37 -0.32
CA GLY D 228 37.82 26.81 -0.49
C GLY D 228 39.27 27.27 -0.55
N LYS D 229 40.17 26.45 0.00
CA LYS D 229 41.59 26.79 0.00
C LYS D 229 42.34 26.20 -1.19
N ASP D 230 41.78 25.13 -1.77
CA ASP D 230 42.29 24.59 -3.03
C ASP D 230 41.95 25.56 -4.17
N TYR D 231 40.68 25.97 -4.22
CA TYR D 231 40.19 26.89 -5.24
C TYR D 231 39.60 28.12 -4.54
N ASP D 232 40.16 29.31 -4.81
CA ASP D 232 39.66 30.54 -4.19
C ASP D 232 38.40 31.08 -4.88
N ALA D 233 37.84 32.17 -4.33
CA ALA D 233 36.59 32.77 -4.79
C ALA D 233 36.53 33.05 -6.30
N ASP D 234 37.61 33.62 -6.84
CA ASP D 234 37.71 33.92 -8.27
C ASP D 234 37.67 32.68 -9.17
N ARG D 235 38.37 31.61 -8.77
CA ARG D 235 38.38 30.40 -9.57
C ARG D 235 37.04 29.66 -9.44
N GLN D 236 36.50 29.64 -8.23
CA GLN D 236 35.17 29.10 -7.95
C GLN D 236 34.14 29.67 -8.91
N CYS D 237 34.26 30.98 -9.19
CA CYS D 237 33.42 31.65 -10.17
C CYS D 237 33.65 31.08 -11.57
N GLN D 238 34.92 30.93 -11.93
CA GLN D 238 35.30 30.46 -13.26
C GLN D 238 34.83 29.05 -13.53
N LEU D 239 34.63 28.27 -12.46
CA LEU D 239 34.12 26.90 -12.56
C LEU D 239 32.61 26.85 -12.85
N THR D 240 31.93 27.97 -12.64
CA THR D 240 30.49 28.03 -12.82
C THR D 240 30.08 28.82 -14.08
N PHE D 241 30.63 30.02 -14.23
CA PHE D 241 30.23 30.89 -15.34
C PHE D 241 31.32 31.05 -16.40
N GLY D 242 32.39 30.24 -16.30
CA GLY D 242 33.44 30.21 -17.31
C GLY D 242 34.62 31.14 -17.04
N PRO D 243 35.57 31.21 -18.00
CA PRO D 243 36.89 31.79 -17.79
C PRO D 243 36.93 33.32 -17.76
N ASP D 244 35.80 33.96 -18.10
CA ASP D 244 35.71 35.42 -18.05
C ASP D 244 35.21 35.93 -16.71
N SER D 245 34.46 35.08 -16.00
CA SER D 245 33.82 35.46 -14.74
C SER D 245 34.83 35.72 -13.62
N ARG D 246 34.52 36.69 -12.78
CA ARG D 246 35.36 37.04 -11.64
C ARG D 246 34.49 37.09 -10.37
N HIS D 247 35.12 37.25 -9.21
CA HIS D 247 34.39 37.32 -7.95
C HIS D 247 33.83 38.72 -7.63
N CYS D 248 32.53 38.77 -7.32
CA CYS D 248 31.89 39.97 -6.80
C CYS D 248 31.86 39.91 -5.27
N PRO D 249 32.76 40.65 -4.60
CA PRO D 249 32.81 40.61 -3.14
C PRO D 249 31.97 41.72 -2.51
N PRO D 254 28.01 37.76 2.62
CA PRO D 254 29.37 37.28 2.87
C PRO D 254 29.38 35.80 3.25
N CYS D 255 30.13 35.00 2.49
CA CYS D 255 30.13 33.52 2.60
C CYS D 255 28.81 32.87 2.19
N ALA D 256 27.71 33.62 2.31
CA ALA D 256 26.35 33.12 2.13
C ALA D 256 26.01 32.69 0.69
N ALA D 257 26.39 33.52 -0.27
CA ALA D 257 26.16 33.24 -1.69
C ALA D 257 27.33 33.71 -2.56
N LEU D 258 27.78 32.87 -3.48
CA LEU D 258 28.88 33.23 -4.38
C LEU D 258 28.43 34.11 -5.54
N TRP D 259 28.81 35.38 -5.51
CA TRP D 259 28.46 36.31 -6.58
C TRP D 259 29.59 36.48 -7.59
N CYS D 260 29.25 36.31 -8.86
CA CYS D 260 30.25 36.32 -9.92
C CYS D 260 29.89 37.30 -11.04
N SER D 261 30.92 37.96 -11.57
CA SER D 261 30.75 38.99 -12.60
C SER D 261 30.23 38.44 -13.93
N GLY D 262 29.84 39.38 -14.80
CA GLY D 262 29.23 39.07 -16.09
C GLY D 262 28.89 40.36 -16.80
N HIS D 263 28.30 40.23 -17.99
CA HIS D 263 28.02 41.39 -18.83
C HIS D 263 26.62 41.36 -19.44
N LEU D 264 26.02 42.54 -19.56
CA LEU D 264 24.67 42.68 -20.09
C LEU D 264 24.43 44.08 -20.65
N ASN D 265 23.92 44.12 -21.88
CA ASN D 265 23.51 45.37 -22.56
C ASN D 265 24.58 46.47 -22.60
N GLY D 266 25.84 46.07 -22.34
CA GLY D 266 26.98 46.98 -22.40
C GLY D 266 27.41 47.50 -21.04
N HIS D 267 27.02 46.80 -19.98
CA HIS D 267 27.37 47.20 -18.61
C HIS D 267 27.50 46.00 -17.67
N ALA D 268 28.24 46.21 -16.59
CA ALA D 268 28.61 45.13 -15.65
C ALA D 268 27.44 44.55 -14.87
N MET D 269 27.59 43.29 -14.46
CA MET D 269 26.60 42.62 -13.65
C MET D 269 27.23 41.58 -12.72
N CYS D 270 26.46 41.14 -11.73
CA CYS D 270 26.82 40.03 -10.88
C CYS D 270 25.65 39.07 -10.85
N GLN D 271 25.93 37.79 -11.07
CA GLN D 271 24.91 36.74 -11.09
C GLN D 271 25.29 35.65 -10.11
N THR D 272 24.33 34.85 -9.67
CA THR D 272 24.65 33.75 -8.77
C THR D 272 23.75 32.51 -8.93
N LYS D 273 24.33 31.35 -8.72
CA LYS D 273 23.58 30.10 -8.63
C LYS D 273 23.18 29.84 -7.17
N HIS D 274 23.42 30.84 -6.33
CA HIS D 274 23.00 30.89 -4.92
C HIS D 274 23.56 29.80 -3.99
N SER D 275 24.52 29.02 -4.49
CA SER D 275 25.34 28.14 -3.65
C SER D 275 26.27 29.03 -2.81
N PRO D 276 26.54 28.63 -1.56
CA PRO D 276 27.46 29.42 -0.72
C PRO D 276 28.93 29.30 -1.16
N TRP D 277 29.80 30.14 -0.61
CA TRP D 277 31.24 30.04 -0.84
C TRP D 277 31.74 28.72 -0.25
N ALA D 278 32.61 28.04 -1.01
CA ALA D 278 33.20 26.79 -0.56
C ALA D 278 33.82 26.92 0.82
N ASP D 279 33.63 25.89 1.65
CA ASP D 279 34.17 25.86 3.00
C ASP D 279 35.69 26.08 3.03
N GLY D 280 36.12 27.13 3.73
CA GLY D 280 37.53 27.46 3.86
C GLY D 280 38.00 28.61 2.99
N THR D 281 37.08 29.19 2.23
CA THR D 281 37.38 30.33 1.37
C THR D 281 37.71 31.57 2.20
N PRO D 282 38.75 32.33 1.80
CA PRO D 282 39.07 33.62 2.39
C PRO D 282 37.83 34.51 2.58
N CYS D 283 37.35 34.55 3.81
CA CYS D 283 36.20 35.35 4.21
C CYS D 283 36.66 36.73 4.64
N GLY D 284 37.69 36.76 5.50
CA GLY D 284 38.34 38.00 5.91
C GLY D 284 39.81 37.74 6.19
N PRO D 285 40.47 38.64 6.96
CA PRO D 285 41.88 38.47 7.34
C PRO D 285 42.14 37.13 8.04
N ALA D 286 41.63 36.98 9.26
CA ALA D 286 41.77 35.75 10.03
C ALA D 286 40.47 34.95 10.01
N GLN D 287 39.63 35.24 9.02
CA GLN D 287 38.31 34.63 8.89
C GLN D 287 38.21 33.82 7.61
N ALA D 288 37.43 32.74 7.65
CA ALA D 288 37.19 31.87 6.49
C ALA D 288 35.77 31.30 6.54
N CYS D 289 35.25 30.87 5.39
CA CYS D 289 33.87 30.38 5.30
C CYS D 289 33.65 29.02 5.94
N MET D 290 32.53 28.90 6.67
CA MET D 290 32.15 27.65 7.30
C MET D 290 30.63 27.41 7.17
N GLY D 291 30.28 26.33 6.49
CA GLY D 291 28.89 25.88 6.32
C GLY D 291 27.87 26.94 5.95
N GLY D 292 28.28 27.88 5.09
CA GLY D 292 27.44 29.01 4.69
C GLY D 292 27.75 30.28 5.46
N ARG D 293 27.90 30.14 6.79
CA ARG D 293 28.21 31.25 7.69
C ARG D 293 29.68 31.68 7.61
N CYS D 294 30.07 32.61 8.50
CA CYS D 294 31.48 32.94 8.71
C CYS D 294 31.73 33.31 10.17
ZN ZN E . 16.10 -38.23 15.47
CA CA F . 22.00 -26.64 17.10
CA CA G . -7.80 -34.76 13.52
CA CA H . -10.46 -31.45 13.44
C1 886 I . 18.90 -34.78 19.94
C2 886 I . 17.95 -35.81 19.28
C3 886 I . 16.67 -35.87 20.12
C4 886 I . 17.70 -35.42 17.81
C5 886 I . 16.78 -36.42 17.03
O1 886 I . 17.26 -37.58 16.92
O2 886 I . 15.69 -35.99 16.59
N1 886 I . 19.04 -35.53 17.10
S1 886 I . 19.58 -34.22 16.19
O3 886 I . 21.04 -34.26 16.25
O4 886 I . 18.87 -33.03 16.60
C6 886 I . 19.06 -34.59 14.53
C7 886 I . 19.78 -35.51 13.78
C8 886 I . 19.38 -35.79 12.48
C9 886 I . 18.24 -35.17 11.89
C10 886 I . 17.53 -34.24 12.68
C11 886 I . 17.94 -33.94 13.99
C12 886 I . 17.85 -35.47 10.50
C13 886 I . 17.13 -34.53 9.73
C14 886 I . 16.75 -34.80 8.39
C15 886 I . 17.10 -36.01 7.79
C16 886 I . 17.84 -36.96 8.55
C17 886 I . 18.20 -36.68 9.87
C18 886 I . 16.71 -36.35 6.37
O5 886 I . 16.33 -35.19 5.63
C19 886 I . 15.29 -35.14 4.73
C20 886 I . 13.92 -35.32 4.97
C21 886 I . 12.99 -35.20 3.91
C22 886 I . 13.40 -34.91 2.59
C23 886 I . 14.77 -34.72 2.38
C24 886 I . 15.70 -34.83 3.43
C25 886 I . 12.43 -34.75 1.44
O6 886 I . 11.57 -33.88 1.59
C26 886 I . 12.66 -35.28 0.01
C27 886 I . 13.13 -36.73 -0.03
C28 886 I . 13.54 -34.36 -0.83
ZN ZN J . -19.65 -17.17 -6.23
CA CA K . -27.76 -27.64 -7.61
CA CA L . -32.80 2.77 -4.46
CA CA M . -36.82 4.13 -4.41
C1 886 N . -22.00 -20.91 -11.00
C2 886 N . -20.96 -20.08 -10.22
C3 886 N . -20.73 -18.77 -11.00
C4 886 N . -21.45 -19.93 -8.76
C5 886 N . -21.03 -18.59 -8.04
O1 886 N . -19.94 -18.66 -7.38
O2 886 N . -21.81 -17.62 -8.18
N1 886 N . -20.75 -21.02 -7.98
S1 886 N . -21.68 -22.08 -7.07
O3 886 N . -20.93 -23.31 -7.05
O4 886 N . -23.06 -22.09 -7.55
C6 886 N . -21.67 -21.46 -5.41
C7 886 N . -20.47 -21.56 -4.71
C8 886 N . -20.44 -21.08 -3.39
C9 886 N . -21.56 -20.52 -2.76
C10 886 N . -22.75 -20.43 -3.51
C11 886 N . -22.81 -20.90 -4.82
C12 886 N . -21.44 -20.04 -1.37
C13 886 N . -22.55 -19.84 -0.52
C14 886 N . -22.39 -19.38 0.79
C15 886 N . -21.10 -19.09 1.28
C16 886 N . -19.99 -19.29 0.44
C17 886 N . -20.17 -19.75 -0.86
C18 886 N . -20.84 -18.56 2.68
O5 886 N . -21.92 -18.83 3.57
C19 886 N . -22.38 -17.90 4.47
C20 886 N . -22.79 -16.59 4.22
C21 886 N . -23.28 -15.79 5.28
C22 886 N . -23.37 -16.27 6.60
C23 886 N . -22.97 -17.59 6.83
C24 886 N . -22.49 -18.39 5.78
C25 886 N . -23.90 -15.42 7.74
O6 886 N . -24.98 -14.87 7.53
C26 886 N . -23.37 -15.43 9.18
C27 886 N . -21.86 -15.18 9.27
C28 886 N . -23.84 -16.61 10.02
ZN ZN O . -13.86 42.23 -2.71
CA CA P . -18.67 35.40 7.57
CA CA Q . 9.11 35.41 -6.32
CA CA R . 11.70 32.60 -4.95
C1 886 S . -14.02 43.02 3.46
C2 886 S . -14.69 43.29 2.11
C3 886 S . -14.19 44.59 1.47
C4 886 S . -14.70 42.00 1.23
C5 886 S . -13.94 42.06 -0.14
O1 886 S . -14.69 41.90 -1.16
O2 886 S . -12.69 42.23 -0.10
N1 886 S . -16.16 41.83 0.88
S1 886 S . -16.83 40.36 1.31
O3 886 S . -18.24 40.62 1.51
O4 886 S . -16.06 39.74 2.36
C6 886 S . -16.72 39.39 -0.17
C7 886 S . -17.36 39.87 -1.30
C8 886 S . -17.29 39.13 -2.48
C9 886 S . -16.60 37.90 -2.54
C10 886 S . -15.96 37.44 -1.38
C11 886 S . -16.01 38.16 -0.19
C12 886 S . -16.58 37.16 -3.80
C13 886 S . -16.32 35.78 -3.88
C14 886 S . -16.31 35.11 -5.13
C15 886 S . -16.57 35.83 -6.32
C16 886 S . -16.85 37.20 -6.24
C17 886 S . -16.85 37.86 -5.00
C18 886 S . -16.58 35.18 -7.68
O5 886 S . -16.42 33.77 -7.57
C19 886 S . -15.65 33.06 -8.46
C20 886 S . -14.28 33.24 -8.72
C21 886 S . -13.63 32.40 -9.66
C22 886 S . -14.32 31.39 -10.34
C23 886 S . -15.68 31.21 -10.06
C24 886 S . -16.33 32.04 -9.12
C25 886 S . -13.64 30.49 -11.33
O6 886 S . -12.53 30.05 -10.98
C26 886 S . -14.26 30.09 -12.69
C27 886 S . -15.14 28.84 -12.58
C28 886 S . -13.18 29.85 -13.74
ZN ZN T . 17.12 13.32 -6.41
CA CA U . 21.32 21.29 -16.21
CA CA V . 33.34 -3.95 -2.39
CA CA W . 37.12 -4.98 -3.66
C1 886 X . 16.23 13.03 -12.59
C2 886 X . 15.71 13.47 -11.21
C3 886 X . 15.03 12.27 -10.52
C4 886 X . 16.84 14.18 -10.41
C5 886 X . 17.27 13.47 -9.07
O1 886 X . 16.58 13.82 -8.06
O2 886 X . 18.24 12.67 -9.15
N1 886 X . 16.33 15.57 -10.04
S1 886 X . 17.36 16.86 -10.34
O3 886 X . 16.51 18.01 -10.63
O4 886 X . 18.35 16.47 -11.33
C6 886 X . 18.21 17.24 -8.85
C7 886 X . 17.49 17.53 -7.69
C8 886 X . 18.16 17.84 -6.50
C9 886 X . 19.58 17.87 -6.44
C10 886 X . 20.28 17.59 -7.63
C11 886 X . 19.61 17.28 -8.83
C12 886 X . 20.29 18.22 -5.20
C13 886 X . 21.68 18.44 -5.21
C14 886 X . 22.38 18.80 -4.05
C15 886 X . 21.69 18.96 -2.83
C16 886 X . 20.30 18.76 -2.81
C17 886 X . 19.62 18.39 -3.98
C18 886 X . 22.43 19.35 -1.57
O5 886 X . 23.14 18.21 -1.11
C19 886 X . 24.23 18.28 -0.27
C20 886 X . 25.12 17.21 -0.10
C21 886 X . 26.22 17.33 0.79
C22 886 X . 26.44 18.52 1.51
C23 886 X . 25.55 19.58 1.33
C24 886 X . 24.45 19.46 0.46
C25 886 X . 27.61 18.65 2.43
O6 886 X . 28.70 18.20 2.05
C26 886 X . 27.43 19.12 3.88
C27 886 X . 27.95 20.55 4.05
C28 886 X . 28.17 18.17 4.84
#